data_6A2F
#
_entry.id   6A2F
#
_cell.length_a   74.240
_cell.length_b   78.300
_cell.length_c   154.070
_cell.angle_alpha   90.00
_cell.angle_beta   90.00
_cell.angle_gamma   90.00
#
_symmetry.space_group_name_H-M   'P 21 21 21'
#
loop_
_entity.id
_entity.type
_entity.pdbx_description
1 polymer 'Alanine racemase, biosynthetic'
2 non-polymer 'MALONATE ION'
3 non-polymer D-LYSINE
4 non-polymer 'ACETATE ION'
5 water water
#
_entity_poly.entity_id   1
_entity_poly.type   'polypeptide(L)'
_entity_poly.pdbx_seq_one_letter_code
;MRPLVATVDLSAIRHNYALAKRCAPQRQAFAVV(LLP)ANAYGHGAREVVTALHDDADGFAVACLEEAAEVRALHASARI
LLLEGCFEASEYALAGQLRLDLVIQGAEQGEAFLAAGLDIPLNVWLKLDSGMHRLGFDPAALRAWHARLRSHPGVRELNL
ISHFACADERNHPLTEQQLESFLGLLDLDFDQRSLANSAAVLTIPAAHMDWLRPGIMLYGSTPLADLSAAELGLKPAMSL
GAQLISLREVAVGESVGYGATWIAERPARIGTVSCGYADGYPRTAPAGTPVLVGGRRAILAGRVSMDMLAVDLSDLPEAR
VGDPVELWGAGLSVDEVARACGTLGYELLSKVTARVPRRYSH
;
_entity_poly.pdbx_strand_id   A,B
#
# COMPACT_ATOMS: atom_id res chain seq x y z
N MET A 1 21.66 -5.91 -3.62
CA MET A 1 20.29 -5.33 -3.50
C MET A 1 19.52 -5.94 -2.32
N ARG A 2 18.50 -5.21 -1.88
CA ARG A 2 17.57 -5.72 -0.88
C ARG A 2 16.89 -6.99 -1.42
N PRO A 3 16.92 -8.09 -0.65
CA PRO A 3 16.34 -9.34 -1.16
C PRO A 3 14.82 -9.35 -1.08
N LEU A 4 14.19 -8.60 -1.98
CA LEU A 4 12.75 -8.60 -2.14
C LEU A 4 12.37 -8.32 -3.58
N VAL A 5 11.69 -9.30 -4.19
CA VAL A 5 11.33 -9.23 -5.60
C VAL A 5 9.92 -9.78 -5.83
N ALA A 6 9.13 -9.03 -6.59
CA ALA A 6 7.83 -9.51 -7.06
C ALA A 6 7.99 -10.08 -8.47
N THR A 7 7.97 -11.40 -8.58
CA THR A 7 8.08 -12.07 -9.87
C THR A 7 6.67 -12.26 -10.44
N VAL A 8 6.48 -11.73 -11.64
CA VAL A 8 5.18 -11.77 -12.31
C VAL A 8 5.24 -12.74 -13.50
N ASP A 9 4.34 -13.72 -13.47
CA ASP A 9 4.20 -14.68 -14.56
C ASP A 9 3.15 -14.18 -15.57
N LEU A 10 3.64 -13.57 -16.64
CA LEU A 10 2.78 -12.98 -17.66
C LEU A 10 1.97 -14.02 -18.44
N SER A 11 2.55 -15.19 -18.65
CA SER A 11 1.86 -16.25 -19.39
C SER A 11 0.78 -16.93 -18.55
N ALA A 12 0.86 -16.82 -17.22
CA ALA A 12 -0.24 -17.21 -16.35
C ALA A 12 -1.44 -16.28 -16.54
N ILE A 13 -1.18 -14.99 -16.72
CA ILE A 13 -2.22 -14.00 -17.00
C ILE A 13 -2.90 -14.29 -18.34
N ARG A 14 -2.10 -14.62 -19.36
CA ARG A 14 -2.63 -15.04 -20.66
C ARG A 14 -3.55 -16.26 -20.51
N HIS A 15 -3.10 -17.23 -19.73
CA HIS A 15 -3.87 -18.44 -19.42
C HIS A 15 -5.20 -18.12 -18.75
N ASN A 16 -5.15 -17.30 -17.70
CA ASN A 16 -6.35 -16.96 -16.94
C ASN A 16 -7.34 -16.15 -17.78
N TYR A 17 -6.82 -15.30 -18.67
CA TYR A 17 -7.66 -14.55 -19.58
C TYR A 17 -8.42 -15.43 -20.56
N ALA A 18 -7.72 -16.43 -21.13
CA ALA A 18 -8.32 -17.38 -22.06
C ALA A 18 -9.38 -18.22 -21.36
N LEU A 19 -9.14 -18.52 -20.08
CA LEU A 19 -10.09 -19.23 -19.24
C LEU A 19 -11.37 -18.40 -19.04
N ALA A 20 -11.20 -17.10 -18.87
CA ALA A 20 -12.34 -16.19 -18.73
C ALA A 20 -13.14 -16.12 -20.02
N LYS A 21 -12.44 -16.07 -21.15
CA LYS A 21 -13.09 -16.06 -22.46
C LYS A 21 -13.87 -17.34 -22.74
N ARG A 22 -13.35 -18.47 -22.27
CA ARG A 22 -13.95 -19.78 -22.46
C ARG A 22 -15.29 -19.95 -21.71
N CYS A 23 -15.50 -19.13 -20.68
CA CYS A 23 -16.78 -19.09 -19.97
C CYS A 23 -17.93 -18.59 -20.85
N ALA A 24 -17.61 -17.76 -21.82
CA ALA A 24 -18.59 -17.24 -22.78
C ALA A 24 -17.92 -17.05 -24.14
N PRO A 25 -17.63 -18.16 -24.85
CA PRO A 25 -16.75 -18.11 -26.03
C PRO A 25 -17.26 -17.26 -27.19
N GLN A 26 -18.59 -17.12 -27.32
CA GLN A 26 -19.15 -16.31 -28.40
C GLN A 26 -19.22 -14.83 -28.04
N ARG A 27 -18.76 -14.51 -26.83
CA ARG A 27 -18.82 -13.16 -26.31
C ARG A 27 -17.42 -12.52 -26.26
N GLN A 28 -17.35 -11.25 -25.89
CA GLN A 28 -16.08 -10.53 -25.76
C GLN A 28 -15.69 -10.35 -24.28
N ALA A 29 -14.41 -10.13 -24.03
CA ALA A 29 -13.95 -9.87 -22.65
C ALA A 29 -13.00 -8.68 -22.54
N PHE A 30 -13.33 -7.75 -21.65
CA PHE A 30 -12.40 -6.70 -21.25
C PHE A 30 -11.35 -7.29 -20.32
N ALA A 31 -10.08 -6.99 -20.58
CA ALA A 31 -9.04 -7.23 -19.58
C ALA A 31 -9.00 -6.01 -18.66
N VAL A 32 -9.44 -6.20 -17.41
CA VAL A 32 -9.42 -5.12 -16.42
C VAL A 32 -7.99 -5.01 -15.89
N VAL A 33 -7.34 -3.90 -16.22
CA VAL A 33 -5.93 -3.70 -15.94
C VAL A 33 -5.67 -2.42 -15.14
N ALA A 35 -5.26 0.19 -11.83
CA ALA A 35 -4.34 0.20 -10.68
C ALA A 35 -3.04 -0.55 -10.98
N ASN A 36 -2.39 -0.17 -12.07
CA ASN A 36 -1.13 -0.79 -12.52
C ASN A 36 -1.30 -2.30 -12.68
N ALA A 37 -2.35 -2.69 -13.41
CA ALA A 37 -2.79 -4.09 -13.52
C ALA A 37 -2.81 -4.81 -12.16
N TYR A 38 -3.49 -4.22 -11.18
CA TYR A 38 -3.60 -4.78 -9.84
C TYR A 38 -2.20 -5.02 -9.26
N GLY A 39 -1.31 -4.06 -9.46
CA GLY A 39 0.06 -4.15 -8.94
C GLY A 39 1.03 -4.97 -9.78
N HIS A 40 0.55 -5.59 -10.85
CA HIS A 40 1.39 -6.47 -11.67
C HIS A 40 2.19 -5.74 -12.74
N GLY A 41 1.85 -4.46 -12.97
CA GLY A 41 2.51 -3.64 -13.98
C GLY A 41 1.70 -3.57 -15.25
N ALA A 42 0.98 -2.45 -15.44
CA ALA A 42 0.10 -2.27 -16.59
C ALA A 42 0.83 -2.42 -17.92
N ARG A 43 2.00 -1.81 -18.01
CA ARG A 43 2.81 -1.84 -19.24
C ARG A 43 3.10 -3.27 -19.70
N GLU A 44 3.55 -4.12 -18.78
CA GLU A 44 3.89 -5.52 -19.10
C GLU A 44 2.65 -6.40 -19.30
N VAL A 45 1.62 -6.19 -18.49
CA VAL A 45 0.37 -6.96 -18.62
C VAL A 45 -0.35 -6.68 -19.94
N VAL A 46 -0.47 -5.41 -20.32
CA VAL A 46 -1.07 -5.00 -21.59
C VAL A 46 -0.25 -5.53 -22.78
N THR A 47 1.07 -5.50 -22.67
CA THR A 47 1.96 -6.04 -23.70
C THR A 47 1.75 -7.55 -23.90
N ALA A 48 1.59 -8.29 -22.80
CA ALA A 48 1.30 -9.71 -22.86
C ALA A 48 -0.08 -10.00 -23.46
N LEU A 49 -1.05 -9.13 -23.15
CA LEU A 49 -2.43 -9.27 -23.65
C LEU A 49 -2.72 -8.34 -24.85
N HIS A 50 -1.66 -7.90 -25.52
CA HIS A 50 -1.76 -6.94 -26.63
C HIS A 50 -2.67 -7.43 -27.76
N ASP A 51 -2.53 -8.71 -28.12
CA ASP A 51 -3.31 -9.31 -29.18
C ASP A 51 -4.41 -10.23 -28.65
N ASP A 52 -4.16 -10.85 -27.50
CA ASP A 52 -5.11 -11.76 -26.86
C ASP A 52 -6.41 -11.08 -26.49
N ALA A 53 -6.31 -9.87 -25.93
CA ALA A 53 -7.46 -9.18 -25.34
C ALA A 53 -8.39 -8.56 -26.37
N ASP A 54 -9.68 -8.70 -26.14
CA ASP A 54 -10.69 -8.07 -26.99
C ASP A 54 -10.73 -6.58 -26.74
N GLY A 55 -10.35 -6.17 -25.53
CA GLY A 55 -10.26 -4.77 -25.17
C GLY A 55 -9.73 -4.61 -23.76
N PHE A 56 -9.56 -3.38 -23.32
CA PHE A 56 -9.03 -3.10 -21.99
C PHE A 56 -9.94 -2.18 -21.20
N ALA A 57 -10.00 -2.40 -19.89
CA ALA A 57 -10.76 -1.53 -19.00
C ALA A 57 -9.85 -0.97 -17.90
N VAL A 58 -9.95 0.34 -17.67
CA VAL A 58 -9.16 1.05 -16.65
C VAL A 58 -10.06 1.96 -15.80
N ALA A 59 -9.47 2.53 -14.75
CA ALA A 59 -10.21 3.35 -13.78
C ALA A 59 -10.20 4.88 -14.05
N CYS A 60 -9.26 5.34 -14.86
CA CYS A 60 -9.09 6.78 -15.11
C CYS A 60 -8.34 7.05 -16.42
N LEU A 61 -8.33 8.31 -16.84
CA LEU A 61 -7.75 8.74 -18.11
C LEU A 61 -6.24 8.52 -18.17
N GLU A 62 -5.57 8.75 -17.05
CA GLU A 62 -4.12 8.56 -16.93
C GLU A 62 -3.75 7.12 -17.31
N GLU A 63 -4.48 6.15 -16.75
CA GLU A 63 -4.27 4.73 -17.04
C GLU A 63 -4.57 4.41 -18.50
N ALA A 64 -5.65 5.00 -19.01
CA ALA A 64 -6.06 4.83 -20.40
C ALA A 64 -4.99 5.34 -21.37
N ALA A 65 -4.36 6.46 -21.01
CA ALA A 65 -3.31 7.05 -21.84
C ALA A 65 -2.11 6.12 -21.97
N GLU A 66 -1.77 5.46 -20.87
CA GLU A 66 -0.72 4.45 -20.85
C GLU A 66 -1.07 3.27 -21.75
N VAL A 67 -2.32 2.81 -21.68
CA VAL A 67 -2.78 1.69 -22.52
C VAL A 67 -2.77 2.05 -24.00
N ARG A 68 -3.29 3.23 -24.35
CA ARG A 68 -3.34 3.67 -25.75
C ARG A 68 -1.94 3.83 -26.33
N ALA A 69 -1.01 4.29 -25.50
CA ALA A 69 0.39 4.43 -25.92
C ALA A 69 0.93 3.09 -26.39
N LEU A 70 0.50 2.00 -25.74
CA LEU A 70 1.00 0.66 -26.05
C LEU A 70 0.21 -0.04 -27.15
N HIS A 71 -1.09 0.27 -27.27
CA HIS A 71 -1.96 -0.31 -28.29
C HIS A 71 -2.79 0.78 -28.96
N ALA A 72 -2.53 0.97 -30.25
CA ALA A 72 -3.10 2.09 -31.01
C ALA A 72 -4.59 1.95 -31.31
N SER A 73 -5.06 0.71 -31.45
CA SER A 73 -6.42 0.48 -31.95
C SER A 73 -7.40 -0.19 -30.97
N ALA A 74 -6.89 -0.75 -29.88
CA ALA A 74 -7.74 -1.51 -28.97
C ALA A 74 -8.82 -0.67 -28.31
N ARG A 75 -9.95 -1.30 -28.03
CA ARG A 75 -11.02 -0.71 -27.24
C ARG A 75 -10.53 -0.49 -25.80
N ILE A 76 -10.62 0.76 -25.32
CA ILE A 76 -10.28 1.09 -23.94
C ILE A 76 -11.49 1.75 -23.25
N LEU A 77 -11.99 1.09 -22.22
CA LEU A 77 -13.14 1.58 -21.46
C LEU A 77 -12.71 2.29 -20.19
N LEU A 78 -13.18 3.53 -20.02
CA LEU A 78 -13.07 4.24 -18.74
C LEU A 78 -14.25 3.81 -17.87
N LEU A 79 -13.96 3.00 -16.85
CA LEU A 79 -15.01 2.42 -15.99
C LEU A 79 -15.83 3.47 -15.24
N GLU A 80 -15.17 4.55 -14.81
CA GLU A 80 -15.84 5.62 -14.06
C GLU A 80 -16.13 6.83 -14.94
N GLY A 81 -15.83 6.71 -16.23
CA GLY A 81 -15.96 7.83 -17.16
C GLY A 81 -14.96 8.94 -16.88
N CYS A 82 -15.24 10.13 -17.40
CA CYS A 82 -14.42 11.30 -17.19
C CYS A 82 -14.80 12.03 -15.90
N PHE A 83 -13.79 12.48 -15.16
CA PHE A 83 -13.97 13.14 -13.86
C PHE A 83 -14.26 14.64 -13.97
N GLU A 84 -13.75 15.28 -15.02
CA GLU A 84 -13.96 16.71 -15.24
C GLU A 84 -14.10 17.08 -16.72
N ALA A 85 -14.71 18.23 -16.97
CA ALA A 85 -14.97 18.74 -18.32
C ALA A 85 -13.75 18.68 -19.24
N SER A 86 -12.58 19.04 -18.71
CA SER A 86 -11.36 19.16 -19.52
C SER A 86 -10.82 17.81 -20.01
N GLU A 87 -11.32 16.72 -19.42
CA GLU A 87 -10.87 15.38 -19.80
C GLU A 87 -11.38 14.93 -21.16
N TYR A 88 -12.59 15.36 -21.53
CA TYR A 88 -13.25 14.88 -22.75
C TYR A 88 -12.46 15.04 -24.03
N ALA A 89 -11.84 16.21 -24.23
CA ALA A 89 -11.00 16.45 -25.40
C ALA A 89 -9.86 15.42 -25.50
N LEU A 90 -9.24 15.09 -24.36
CA LEU A 90 -8.19 14.08 -24.33
C LEU A 90 -8.74 12.66 -24.55
N ALA A 91 -9.90 12.36 -23.94
CA ALA A 91 -10.57 11.08 -24.16
C ALA A 91 -10.90 10.86 -25.63
N GLY A 92 -11.24 11.95 -26.31
CA GLY A 92 -11.51 11.94 -27.75
C GLY A 92 -10.27 11.64 -28.57
N GLN A 93 -9.16 12.30 -28.22
CA GLN A 93 -7.87 12.07 -28.86
C GLN A 93 -7.44 10.60 -28.74
N LEU A 94 -7.66 10.01 -27.57
CA LEU A 94 -7.24 8.64 -27.28
C LEU A 94 -8.28 7.59 -27.72
N ARG A 95 -9.37 8.06 -28.31
CA ARG A 95 -10.45 7.19 -28.81
C ARG A 95 -10.93 6.19 -27.75
N LEU A 96 -11.43 6.72 -26.64
CA LEU A 96 -11.84 5.92 -25.48
C LEU A 96 -13.34 5.70 -25.42
N ASP A 97 -13.73 4.59 -24.81
CA ASP A 97 -15.13 4.34 -24.47
C ASP A 97 -15.46 5.09 -23.20
N LEU A 98 -16.51 5.90 -23.25
CA LEU A 98 -16.91 6.68 -22.10
C LEU A 98 -18.00 5.99 -21.29
N VAL A 99 -18.01 6.28 -20.00
CA VAL A 99 -19.10 5.90 -19.11
C VAL A 99 -19.81 7.17 -18.63
N ILE A 100 -21.14 7.13 -18.61
CA ILE A 100 -21.95 8.16 -17.96
C ILE A 100 -22.76 7.53 -16.80
N GLN A 101 -22.52 8.03 -15.59
CA GLN A 101 -23.09 7.48 -14.34
C GLN A 101 -24.06 8.41 -13.66
N GLY A 102 -23.91 9.71 -13.89
CA GLY A 102 -24.66 10.72 -13.16
C GLY A 102 -25.07 11.88 -14.03
N ALA A 103 -25.99 12.69 -13.53
CA ALA A 103 -26.52 13.84 -14.26
C ALA A 103 -25.40 14.84 -14.57
N GLU A 104 -24.58 15.15 -13.57
CA GLU A 104 -23.48 16.10 -13.71
C GLU A 104 -22.53 15.64 -14.84
N GLN A 105 -22.08 14.39 -14.76
CA GLN A 105 -21.19 13.80 -15.76
C GLN A 105 -21.82 13.79 -17.16
N GLY A 106 -23.07 13.34 -17.24
CA GLY A 106 -23.81 13.33 -18.50
C GLY A 106 -23.91 14.70 -19.14
N GLU A 107 -24.13 15.70 -18.30
CA GLU A 107 -24.21 17.09 -18.76
C GLU A 107 -22.84 17.58 -19.25
N ALA A 108 -21.77 17.11 -18.62
CA ALA A 108 -20.41 17.45 -19.03
C ALA A 108 -20.07 16.89 -20.41
N PHE A 109 -20.52 15.66 -20.68
CA PHE A 109 -20.33 15.04 -21.99
C PHE A 109 -21.08 15.81 -23.08
N LEU A 110 -22.36 16.10 -22.84
CA LEU A 110 -23.17 16.93 -23.74
C LEU A 110 -22.50 18.26 -24.05
N ALA A 111 -21.98 18.93 -23.01
CA ALA A 111 -21.36 20.24 -23.18
C ALA A 111 -20.00 20.20 -23.90
N ALA A 112 -19.35 19.04 -23.87
CA ALA A 112 -17.99 18.89 -24.41
C ALA A 112 -17.91 19.16 -25.90
N GLY A 113 -18.93 18.74 -26.64
CA GLY A 113 -19.06 18.97 -28.09
C GLY A 113 -17.89 18.45 -28.87
N LEU A 114 -17.61 17.16 -28.73
CA LEU A 114 -16.42 16.55 -29.31
C LEU A 114 -16.46 16.41 -30.83
N ASP A 115 -15.26 16.28 -31.40
CA ASP A 115 -15.02 16.23 -32.83
C ASP A 115 -15.40 14.88 -33.44
N ILE A 116 -15.41 13.85 -32.60
CA ILE A 116 -15.54 12.47 -33.05
C ILE A 116 -16.56 11.77 -32.15
N PRO A 117 -17.45 10.95 -32.75
CA PRO A 117 -18.36 10.18 -31.89
C PRO A 117 -17.61 9.08 -31.14
N LEU A 118 -18.03 8.80 -29.90
CA LEU A 118 -17.39 7.80 -29.07
C LEU A 118 -18.40 6.78 -28.56
N ASN A 119 -17.92 5.60 -28.17
CA ASN A 119 -18.78 4.62 -27.54
C ASN A 119 -19.12 5.08 -26.13
N VAL A 120 -20.40 5.07 -25.81
CA VAL A 120 -20.91 5.53 -24.52
C VAL A 120 -21.59 4.36 -23.80
N TRP A 121 -21.15 4.10 -22.58
CA TRP A 121 -21.75 3.09 -21.72
C TRP A 121 -22.49 3.80 -20.59
N LEU A 122 -23.81 3.64 -20.56
CA LEU A 122 -24.64 4.20 -19.52
C LEU A 122 -24.62 3.25 -18.34
N LYS A 123 -24.31 3.78 -17.15
CA LYS A 123 -24.19 2.95 -15.97
C LYS A 123 -25.47 2.93 -15.15
N LEU A 124 -26.02 1.72 -15.00
CA LEU A 124 -27.14 1.48 -14.12
C LEU A 124 -26.64 1.19 -12.70
N ASP A 125 -27.28 1.79 -11.72
CA ASP A 125 -26.99 1.46 -10.34
C ASP A 125 -28.07 0.43 -10.06
N SER A 126 -27.68 -0.82 -9.92
CA SER A 126 -28.63 -1.91 -9.69
C SER A 126 -28.71 -2.42 -8.26
N GLY A 127 -28.05 -1.75 -7.33
CA GLY A 127 -28.05 -2.19 -5.94
C GLY A 127 -26.76 -1.94 -5.19
N MET A 128 -25.70 -1.60 -5.92
CA MET A 128 -24.41 -1.24 -5.32
C MET A 128 -24.56 0.07 -4.53
N HIS A 129 -25.35 0.97 -5.11
CA HIS A 129 -25.67 2.28 -4.56
C HIS A 129 -24.56 3.29 -4.37
N ARG A 130 -23.58 3.23 -5.26
CA ARG A 130 -22.55 4.28 -5.26
C ARG A 130 -22.58 5.06 -6.58
N LEU A 131 -22.28 4.38 -7.68
CA LEU A 131 -22.30 4.98 -9.01
C LEU A 131 -23.48 4.48 -9.83
N GLY A 132 -23.94 5.31 -10.77
CA GLY A 132 -24.99 4.89 -11.71
C GLY A 132 -26.34 5.55 -11.52
N PHE A 133 -27.16 5.52 -12.58
CA PHE A 133 -28.53 6.04 -12.57
C PHE A 133 -29.52 5.01 -12.00
N ASP A 134 -30.66 5.49 -11.50
CA ASP A 134 -31.82 4.63 -11.27
C ASP A 134 -32.45 4.27 -12.64
N PRO A 135 -33.31 3.23 -12.68
CA PRO A 135 -33.89 2.86 -13.99
C PRO A 135 -34.56 4.00 -14.75
N ALA A 136 -35.32 4.87 -14.06
CA ALA A 136 -36.02 5.97 -14.71
C ALA A 136 -35.07 6.98 -15.39
N ALA A 137 -34.02 7.37 -14.66
CA ALA A 137 -33.04 8.31 -15.17
C ALA A 137 -32.26 7.75 -16.37
N LEU A 138 -31.97 6.45 -16.31
CA LEU A 138 -31.24 5.81 -17.41
C LEU A 138 -32.08 5.78 -18.68
N ARG A 139 -33.37 5.50 -18.55
CA ARG A 139 -34.29 5.53 -19.70
C ARG A 139 -34.31 6.95 -20.30
N ALA A 140 -34.38 7.96 -19.43
CA ALA A 140 -34.36 9.35 -19.85
C ALA A 140 -33.08 9.70 -20.63
N TRP A 141 -31.94 9.27 -20.11
CA TRP A 141 -30.65 9.50 -20.77
C TRP A 141 -30.50 8.70 -22.06
N HIS A 142 -31.10 7.51 -22.10
CA HIS A 142 -31.13 6.74 -23.34
C HIS A 142 -31.87 7.51 -24.44
N ALA A 143 -33.03 8.06 -24.09
CA ALA A 143 -33.83 8.88 -25.01
C ALA A 143 -33.06 10.09 -25.54
N ARG A 144 -32.23 10.71 -24.70
CA ARG A 144 -31.43 11.85 -25.11
C ARG A 144 -30.28 11.44 -26.03
N LEU A 145 -29.67 10.29 -25.74
CA LEU A 145 -28.37 9.94 -26.32
C LEU A 145 -28.40 8.99 -27.51
N ARG A 146 -29.52 8.27 -27.72
CA ARG A 146 -29.59 7.22 -28.74
C ARG A 146 -29.23 7.67 -30.17
N SER A 147 -29.64 8.88 -30.54
CA SER A 147 -29.30 9.43 -31.86
C SER A 147 -28.48 10.73 -31.76
N HIS A 148 -27.82 10.93 -30.62
CA HIS A 148 -26.91 12.06 -30.43
C HIS A 148 -25.68 11.91 -31.31
N PRO A 149 -25.28 12.99 -32.03
CA PRO A 149 -24.16 12.96 -32.97
C PRO A 149 -22.80 12.60 -32.38
N GLY A 150 -22.62 12.82 -31.08
CA GLY A 150 -21.37 12.48 -30.40
C GLY A 150 -21.33 11.07 -29.84
N VAL A 151 -22.38 10.30 -30.08
CA VAL A 151 -22.44 8.94 -29.58
C VAL A 151 -22.33 7.95 -30.72
N ARG A 152 -21.39 7.02 -30.62
CA ARG A 152 -21.25 6.03 -31.65
C ARG A 152 -21.99 4.77 -31.22
N GLU A 153 -21.65 4.26 -30.06
CA GLU A 153 -22.30 3.09 -29.53
C GLU A 153 -22.98 3.48 -28.26
N LEU A 154 -24.24 3.11 -28.11
CA LEU A 154 -24.88 3.36 -26.83
C LEU A 154 -25.06 2.03 -26.12
N ASN A 155 -24.49 1.92 -24.93
CA ASN A 155 -24.34 0.64 -24.23
C ASN A 155 -24.88 0.67 -22.81
N LEU A 156 -25.02 -0.51 -22.21
CA LEU A 156 -25.47 -0.62 -20.82
C LEU A 156 -24.44 -1.36 -19.96
N ILE A 157 -24.16 -0.79 -18.78
CA ILE A 157 -23.24 -1.39 -17.83
C ILE A 157 -23.76 -1.30 -16.38
N SER A 158 -23.58 -2.37 -15.62
CA SER A 158 -23.85 -2.39 -14.20
C SER A 158 -22.88 -3.36 -13.52
N HIS A 159 -22.85 -3.34 -12.19
CA HIS A 159 -21.85 -4.07 -11.44
C HIS A 159 -22.46 -4.68 -10.17
N PHE A 160 -22.17 -5.96 -9.92
CA PHE A 160 -22.71 -6.70 -8.77
C PHE A 160 -22.03 -6.30 -7.47
N ALA A 161 -22.77 -6.41 -6.36
CA ALA A 161 -22.22 -6.12 -5.03
C ALA A 161 -21.80 -7.38 -4.26
N CYS A 162 -22.38 -8.52 -4.60
CA CYS A 162 -22.23 -9.73 -3.80
C CYS A 162 -22.10 -11.00 -4.64
N ALA A 163 -21.69 -10.84 -5.91
CA ALA A 163 -21.48 -12.00 -6.79
C ALA A 163 -20.42 -12.97 -6.25
N ASP A 164 -19.65 -12.53 -5.25
CA ASP A 164 -18.63 -13.37 -4.61
C ASP A 164 -19.26 -14.48 -3.77
N GLU A 165 -20.49 -14.27 -3.31
CA GLU A 165 -21.22 -15.23 -2.49
C GLU A 165 -22.06 -16.16 -3.37
N ARG A 166 -22.46 -17.31 -2.81
CA ARG A 166 -23.08 -18.37 -3.60
C ARG A 166 -24.42 -17.97 -4.24
N ASN A 167 -25.39 -17.58 -3.42
CA ASN A 167 -26.68 -17.12 -3.93
C ASN A 167 -27.27 -16.02 -3.08
N HIS A 168 -26.62 -14.85 -3.10
CA HIS A 168 -27.09 -13.71 -2.35
C HIS A 168 -28.36 -13.15 -3.00
N PRO A 169 -29.37 -12.78 -2.17
CA PRO A 169 -30.63 -12.18 -2.64
C PRO A 169 -30.43 -10.97 -3.57
N LEU A 170 -29.47 -10.10 -3.23
CA LEU A 170 -29.23 -8.87 -4.00
C LEU A 170 -28.74 -9.12 -5.44
N THR A 171 -28.03 -10.23 -5.63
CA THR A 171 -27.56 -10.65 -6.95
C THR A 171 -28.72 -10.84 -7.93
N GLU A 172 -29.80 -11.47 -7.46
CA GLU A 172 -31.01 -11.66 -8.27
C GLU A 172 -31.70 -10.34 -8.54
N GLN A 173 -31.82 -9.50 -7.50
CA GLN A 173 -32.37 -8.16 -7.63
C GLN A 173 -31.64 -7.33 -8.67
N GLN A 174 -30.30 -7.40 -8.66
CA GLN A 174 -29.45 -6.62 -9.55
C GLN A 174 -29.60 -7.08 -11.00
N LEU A 175 -29.73 -8.39 -11.17
CA LEU A 175 -29.88 -9.02 -12.48
C LEU A 175 -31.24 -8.66 -13.09
N GLU A 176 -32.29 -8.69 -12.26
CA GLU A 176 -33.64 -8.32 -12.67
C GLU A 176 -33.73 -6.85 -13.05
N SER A 177 -33.05 -5.99 -12.29
CA SER A 177 -32.97 -4.57 -12.59
C SER A 177 -32.34 -4.34 -13.97
N PHE A 178 -31.19 -4.99 -14.21
CA PHE A 178 -30.48 -4.94 -15.48
C PHE A 178 -31.37 -5.41 -16.62
N LEU A 179 -31.97 -6.59 -16.47
CA LEU A 179 -32.82 -7.20 -17.50
C LEU A 179 -34.06 -6.37 -17.83
N GLY A 180 -34.54 -5.63 -16.84
CA GLY A 180 -35.72 -4.76 -17.02
C GLY A 180 -35.48 -3.58 -17.94
N LEU A 181 -34.25 -3.43 -18.43
CA LEU A 181 -33.93 -2.34 -19.35
C LEU A 181 -33.64 -2.83 -20.77
N LEU A 182 -33.67 -4.16 -20.97
CA LEU A 182 -33.26 -4.74 -22.24
C LEU A 182 -34.31 -4.65 -23.35
N ASP A 183 -35.39 -3.92 -23.08
CA ASP A 183 -36.33 -3.50 -24.12
C ASP A 183 -35.76 -2.33 -24.92
N LEU A 184 -34.80 -1.62 -24.32
CA LEU A 184 -34.13 -0.48 -24.96
C LEU A 184 -33.04 -0.92 -25.91
N ASP A 185 -32.82 -0.14 -26.96
CA ASP A 185 -31.81 -0.42 -27.98
C ASP A 185 -30.40 -0.14 -27.46
N PHE A 186 -29.67 -1.21 -27.16
CA PHE A 186 -28.29 -1.13 -26.72
C PHE A 186 -27.39 -1.91 -27.67
N ASP A 187 -26.23 -1.34 -28.00
CA ASP A 187 -25.26 -2.01 -28.86
C ASP A 187 -24.50 -3.09 -28.10
N GLN A 188 -24.17 -2.80 -26.84
CA GLN A 188 -23.44 -3.74 -25.99
C GLN A 188 -23.98 -3.70 -24.56
N ARG A 189 -23.97 -4.86 -23.92
CA ARG A 189 -24.39 -4.98 -22.53
C ARG A 189 -23.27 -5.64 -21.75
N SER A 190 -22.95 -5.10 -20.59
CA SER A 190 -21.89 -5.64 -19.74
C SER A 190 -22.31 -5.62 -18.28
N LEU A 191 -22.20 -6.77 -17.62
CA LEU A 191 -22.65 -6.94 -16.24
C LEU A 191 -21.68 -7.76 -15.37
N ALA A 192 -20.93 -8.66 -16.00
CA ALA A 192 -20.16 -9.68 -15.27
C ALA A 192 -18.73 -9.29 -14.90
N ASN A 193 -18.48 -9.21 -13.58
CA ASN A 193 -17.10 -9.20 -13.05
C ASN A 193 -16.55 -10.65 -13.00
N SER A 194 -15.36 -10.83 -12.43
CA SER A 194 -14.73 -12.16 -12.37
C SER A 194 -15.66 -13.18 -11.71
N ALA A 195 -16.19 -12.80 -10.55
CA ALA A 195 -17.14 -13.62 -9.82
C ALA A 195 -18.26 -14.12 -10.73
N ALA A 196 -18.90 -13.19 -11.44
CA ALA A 196 -20.02 -13.52 -12.31
C ALA A 196 -19.60 -14.27 -13.56
N VAL A 197 -18.38 -13.99 -14.06
CA VAL A 197 -17.85 -14.68 -15.24
C VAL A 197 -17.78 -16.18 -14.98
N LEU A 198 -17.51 -16.55 -13.74
CA LEU A 198 -17.35 -17.94 -13.36
C LEU A 198 -18.64 -18.60 -12.89
N THR A 199 -19.59 -17.81 -12.38
CA THR A 199 -20.74 -18.39 -11.70
C THR A 199 -22.13 -17.92 -12.14
N ILE A 200 -22.22 -16.77 -12.82
CA ILE A 200 -23.53 -16.23 -13.26
C ILE A 200 -23.62 -16.08 -14.78
N PRO A 201 -23.81 -17.21 -15.52
CA PRO A 201 -23.85 -17.13 -17.00
C PRO A 201 -24.90 -16.16 -17.56
N ALA A 202 -25.99 -15.96 -16.82
CA ALA A 202 -27.02 -14.97 -17.19
C ALA A 202 -26.51 -13.52 -17.19
N ALA A 203 -25.39 -13.29 -16.52
CA ALA A 203 -24.79 -11.96 -16.45
C ALA A 203 -23.76 -11.71 -17.54
N HIS A 204 -23.46 -12.75 -18.32
CA HIS A 204 -22.40 -12.68 -19.34
C HIS A 204 -22.61 -11.61 -20.39
N MET A 205 -23.87 -11.46 -20.84
CA MET A 205 -24.23 -10.42 -21.82
C MET A 205 -23.28 -10.37 -23.03
N ASP A 206 -22.75 -9.18 -23.35
CA ASP A 206 -21.90 -9.04 -24.55
C ASP A 206 -20.40 -8.93 -24.23
N TRP A 207 -20.08 -8.19 -23.17
CA TRP A 207 -18.69 -7.98 -22.75
C TRP A 207 -18.50 -8.37 -21.28
N LEU A 208 -17.66 -9.37 -21.06
CA LEU A 208 -17.23 -9.74 -19.71
C LEU A 208 -16.23 -8.72 -19.20
N ARG A 209 -16.13 -8.57 -17.88
CA ARG A 209 -15.15 -7.66 -17.29
C ARG A 209 -14.32 -8.37 -16.22
N PRO A 210 -13.51 -9.37 -16.62
CA PRO A 210 -12.67 -10.01 -15.61
C PRO A 210 -11.48 -9.15 -15.19
N GLY A 211 -11.32 -9.02 -13.87
CA GLY A 211 -10.16 -8.39 -13.26
C GLY A 211 -9.35 -9.38 -12.47
N ILE A 212 -9.70 -9.53 -11.19
CA ILE A 212 -8.93 -10.33 -10.23
C ILE A 212 -8.58 -11.75 -10.71
N MET A 213 -9.52 -12.40 -11.41
CA MET A 213 -9.32 -13.77 -11.89
C MET A 213 -8.16 -13.88 -12.89
N LEU A 214 -7.91 -12.77 -13.59
CA LEU A 214 -6.80 -12.69 -14.53
C LEU A 214 -5.45 -12.91 -13.86
N TYR A 215 -5.39 -12.60 -12.57
CA TYR A 215 -4.11 -12.60 -11.85
C TYR A 215 -3.97 -13.83 -10.94
N GLY A 216 -4.90 -14.77 -11.07
CA GLY A 216 -4.83 -16.03 -10.34
C GLY A 216 -5.21 -15.92 -8.89
N SER A 217 -6.05 -14.93 -8.58
CA SER A 217 -6.63 -14.77 -7.27
C SER A 217 -8.13 -15.00 -7.39
N THR A 218 -8.68 -15.85 -6.52
CA THR A 218 -10.11 -16.15 -6.54
C THR A 218 -10.99 -14.93 -6.26
N PRO A 219 -12.05 -14.75 -7.08
CA PRO A 219 -13.09 -13.75 -6.83
C PRO A 219 -14.21 -14.27 -5.92
N LEU A 220 -14.18 -15.56 -5.60
CA LEU A 220 -15.29 -16.21 -4.90
C LEU A 220 -14.99 -16.47 -3.42
N ALA A 221 -16.03 -16.46 -2.61
CA ALA A 221 -15.92 -16.63 -1.16
C ALA A 221 -15.62 -18.06 -0.74
N ASP A 222 -16.21 -19.03 -1.44
CA ASP A 222 -16.12 -20.44 -1.01
C ASP A 222 -15.46 -21.42 -2.01
N LEU A 223 -14.86 -20.89 -3.08
CA LEU A 223 -13.97 -21.69 -3.93
C LEU A 223 -12.63 -20.99 -4.06
N SER A 224 -11.55 -21.75 -4.14
CA SER A 224 -10.20 -21.20 -4.25
C SER A 224 -9.74 -21.10 -5.70
N ALA A 225 -8.70 -20.29 -5.93
CA ALA A 225 -8.12 -20.10 -7.25
C ALA A 225 -7.62 -21.40 -7.88
N ALA A 226 -7.04 -22.27 -7.05
CA ALA A 226 -6.58 -23.59 -7.49
C ALA A 226 -7.75 -24.48 -7.95
N GLU A 227 -8.84 -24.48 -7.19
CA GLU A 227 -10.05 -25.24 -7.51
C GLU A 227 -10.73 -24.72 -8.79
N LEU A 228 -10.49 -23.44 -9.10
CA LEU A 228 -11.05 -22.81 -10.29
C LEU A 228 -10.12 -22.89 -11.51
N GLY A 229 -8.94 -23.47 -11.30
CA GLY A 229 -7.96 -23.63 -12.38
C GLY A 229 -7.20 -22.37 -12.76
N LEU A 230 -7.16 -21.40 -11.83
CA LEU A 230 -6.47 -20.13 -12.07
C LEU A 230 -5.02 -20.18 -11.60
N LYS A 231 -4.10 -19.81 -12.49
CA LYS A 231 -2.67 -19.80 -12.17
C LYS A 231 -2.24 -18.46 -11.56
N PRO A 232 -1.59 -18.49 -10.38
CA PRO A 232 -1.17 -17.25 -9.71
C PRO A 232 -0.15 -16.47 -10.52
N ALA A 233 -0.39 -15.18 -10.68
CA ALA A 233 0.48 -14.34 -11.50
C ALA A 233 1.67 -13.80 -10.72
N MET A 234 1.45 -13.38 -9.48
CA MET A 234 2.49 -12.73 -8.68
C MET A 234 3.11 -13.65 -7.63
N SER A 235 4.44 -13.64 -7.59
CA SER A 235 5.18 -14.33 -6.54
C SER A 235 6.03 -13.30 -5.81
N LEU A 236 5.68 -13.03 -4.55
CA LEU A 236 6.46 -12.10 -3.73
C LEU A 236 7.45 -12.89 -2.89
N GLY A 237 8.72 -12.78 -3.24
CA GLY A 237 9.78 -13.52 -2.57
C GLY A 237 10.75 -12.64 -1.81
N ALA A 238 11.10 -13.06 -0.61
CA ALA A 238 12.11 -12.37 0.21
C ALA A 238 13.12 -13.37 0.76
N GLN A 239 13.86 -12.95 1.79
CA GLN A 239 14.88 -13.79 2.41
C GLN A 239 14.95 -13.62 3.90
N LEU A 240 15.43 -14.67 4.58
CA LEU A 240 15.82 -14.56 5.98
C LEU A 240 17.11 -13.76 6.05
N ILE A 241 17.07 -12.66 6.80
CA ILE A 241 18.22 -11.76 6.95
C ILE A 241 18.78 -11.81 8.38
N SER A 242 18.06 -12.52 9.25
CA SER A 242 18.50 -12.72 10.63
C SER A 242 17.84 -13.95 11.23
N LEU A 243 18.53 -14.57 12.19
CA LEU A 243 18.04 -15.73 12.90
C LEU A 243 18.51 -15.66 14.35
N ARG A 244 17.56 -15.83 15.28
CA ARG A 244 17.80 -15.65 16.71
C ARG A 244 17.24 -16.77 17.57
N GLU A 245 17.88 -16.97 18.73
CA GLU A 245 17.34 -17.80 19.79
C GLU A 245 16.59 -16.89 20.76
N VAL A 246 15.36 -17.26 21.08
CA VAL A 246 14.54 -16.49 22.02
C VAL A 246 14.06 -17.41 23.14
N ALA A 247 14.43 -17.08 24.37
CA ALA A 247 14.08 -17.87 25.55
C ALA A 247 12.61 -17.72 25.93
N VAL A 248 12.10 -18.69 26.70
CA VAL A 248 10.72 -18.65 27.21
C VAL A 248 10.48 -17.35 27.99
N GLY A 249 9.32 -16.73 27.76
CA GLY A 249 8.94 -15.48 28.44
C GLY A 249 9.49 -14.21 27.80
N GLU A 250 10.39 -14.38 26.83
CA GLU A 250 10.93 -13.24 26.09
C GLU A 250 9.98 -12.85 24.94
N SER A 251 9.97 -11.57 24.60
CA SER A 251 9.03 -11.06 23.60
C SER A 251 9.68 -10.71 22.26
N VAL A 252 8.87 -10.65 21.21
CA VAL A 252 9.34 -10.34 19.86
C VAL A 252 8.58 -9.17 19.25
N GLY A 253 9.33 -8.18 18.77
CA GLY A 253 8.77 -7.05 18.01
C GLY A 253 8.11 -5.97 18.84
N TYR A 254 7.61 -4.95 18.15
CA TYR A 254 6.93 -3.82 18.79
C TYR A 254 5.76 -4.25 19.66
N GLY A 255 5.56 -3.51 20.74
CA GLY A 255 4.44 -3.76 21.65
C GLY A 255 4.53 -5.05 22.44
N ALA A 256 5.62 -5.80 22.24
CA ALA A 256 5.84 -7.09 22.88
C ALA A 256 4.64 -8.04 22.71
N THR A 257 4.06 -8.01 21.50
CA THR A 257 2.83 -8.71 21.15
C THR A 257 2.97 -10.24 21.19
N TRP A 258 4.15 -10.73 20.86
CA TRP A 258 4.41 -12.16 20.79
C TRP A 258 5.38 -12.57 21.90
N ILE A 259 4.94 -13.47 22.77
CA ILE A 259 5.76 -13.97 23.88
C ILE A 259 6.05 -15.46 23.70
N ALA A 260 7.33 -15.81 23.73
CA ALA A 260 7.78 -17.20 23.57
C ALA A 260 7.37 -18.09 24.74
N GLU A 261 6.76 -19.22 24.42
CA GLU A 261 6.27 -20.16 25.42
C GLU A 261 7.13 -21.43 25.54
N ARG A 262 7.94 -21.67 24.52
CA ARG A 262 8.97 -22.70 24.55
C ARG A 262 10.25 -22.07 23.97
N PRO A 263 11.44 -22.65 24.24
CA PRO A 263 12.62 -22.05 23.62
C PRO A 263 12.39 -21.90 22.11
N ALA A 264 12.55 -20.69 21.61
CA ALA A 264 12.13 -20.37 20.25
C ALA A 264 13.27 -19.97 19.32
N ARG A 265 13.07 -20.28 18.04
CA ARG A 265 13.97 -19.93 16.97
C ARG A 265 13.22 -18.92 16.09
N ILE A 266 13.76 -17.71 15.97
CA ILE A 266 13.03 -16.61 15.32
C ILE A 266 13.83 -15.94 14.20
N GLY A 267 13.24 -15.91 13.01
CA GLY A 267 13.89 -15.37 11.82
C GLY A 267 13.26 -14.08 11.32
N THR A 268 14.11 -13.15 10.88
CA THR A 268 13.64 -11.87 10.35
C THR A 268 13.69 -11.87 8.83
N VAL A 269 12.62 -11.35 8.21
CA VAL A 269 12.44 -11.38 6.75
C VAL A 269 12.48 -9.97 6.16
N SER A 270 13.06 -9.88 4.95
CA SER A 270 13.22 -8.61 4.25
C SER A 270 11.95 -8.17 3.52
N CYS A 271 10.88 -8.01 4.29
CA CYS A 271 9.58 -7.54 3.77
C CYS A 271 8.78 -6.93 4.91
N GLY A 272 8.20 -5.76 4.67
CA GLY A 272 7.39 -5.07 5.68
C GLY A 272 6.22 -4.32 5.08
N TYR A 273 5.50 -3.58 5.90
CA TYR A 273 4.26 -2.93 5.44
C TYR A 273 4.45 -1.84 4.38
N ALA A 274 5.63 -1.26 4.31
CA ALA A 274 5.96 -0.31 3.25
C ALA A 274 6.21 -0.98 1.90
N ASP A 275 6.39 -2.30 1.91
CA ASP A 275 6.48 -3.07 0.67
C ASP A 275 5.09 -3.45 0.16
N GLY A 276 4.08 -3.27 1.01
CA GLY A 276 2.71 -3.62 0.66
C GLY A 276 2.09 -4.64 1.61
N TYR A 277 2.93 -5.29 2.41
CA TYR A 277 2.46 -6.29 3.36
C TYR A 277 1.52 -5.65 4.40
N PRO A 278 0.46 -6.37 4.80
CA PRO A 278 -0.43 -5.83 5.82
C PRO A 278 0.29 -5.67 7.16
N ARG A 279 0.26 -4.45 7.72
CA ARG A 279 0.93 -4.20 8.99
C ARG A 279 0.36 -5.03 10.14
N THR A 280 -0.96 -5.25 10.12
CA THR A 280 -1.67 -5.88 11.23
C THR A 280 -1.75 -7.41 11.13
N ALA A 281 -1.06 -7.98 10.14
CA ALA A 281 -0.97 -9.43 9.98
C ALA A 281 -0.75 -10.08 11.34
N PRO A 282 -1.75 -10.87 11.82
CA PRO A 282 -1.66 -11.46 13.15
C PRO A 282 -0.75 -12.69 13.23
N ALA A 283 -0.47 -13.13 14.45
CA ALA A 283 0.24 -14.36 14.69
C ALA A 283 -0.52 -15.51 14.02
N GLY A 284 0.21 -16.36 13.29
CA GLY A 284 -0.40 -17.48 12.59
C GLY A 284 -0.64 -17.26 11.10
N THR A 285 -0.35 -16.05 10.63
CA THR A 285 -0.38 -15.75 9.20
C THR A 285 0.69 -16.61 8.53
N PRO A 286 0.30 -17.38 7.48
CA PRO A 286 1.22 -18.34 6.88
C PRO A 286 2.32 -17.72 6.02
N VAL A 287 3.46 -18.40 5.99
CA VAL A 287 4.58 -18.03 5.13
C VAL A 287 5.34 -19.30 4.72
N LEU A 288 6.10 -19.22 3.63
CA LEU A 288 6.97 -20.33 3.24
C LEU A 288 8.44 -19.98 3.45
N VAL A 289 9.17 -20.86 4.14
CA VAL A 289 10.61 -20.74 4.32
C VAL A 289 11.26 -21.97 3.71
N GLY A 290 12.02 -21.77 2.64
CA GLY A 290 12.61 -22.87 1.89
C GLY A 290 11.57 -23.81 1.32
N GLY A 291 10.42 -23.24 0.93
CA GLY A 291 9.27 -24.01 0.46
C GLY A 291 8.44 -24.61 1.57
N ARG A 292 8.88 -24.45 2.82
CA ARG A 292 8.22 -25.11 3.95
C ARG A 292 7.32 -24.15 4.73
N ARG A 293 6.15 -24.65 5.12
CA ARG A 293 5.15 -23.83 5.81
C ARG A 293 5.58 -23.41 7.21
N ALA A 294 5.38 -22.13 7.51
CA ALA A 294 5.70 -21.55 8.83
C ALA A 294 4.80 -20.34 9.07
N ILE A 295 4.80 -19.83 10.30
CA ILE A 295 3.88 -18.74 10.67
C ILE A 295 4.58 -17.49 11.22
N LEU A 296 3.89 -16.36 11.12
CA LEU A 296 4.42 -15.08 11.60
C LEU A 296 4.50 -14.99 13.11
N ALA A 297 5.46 -14.22 13.60
CA ALA A 297 5.62 -13.98 15.02
C ALA A 297 6.00 -12.52 15.26
N GLY A 298 5.11 -11.78 15.92
CA GLY A 298 5.36 -10.38 16.26
C GLY A 298 4.77 -9.43 15.23
N ARG A 299 4.66 -8.16 15.61
CA ARG A 299 4.15 -7.12 14.72
C ARG A 299 5.03 -6.97 13.50
N VAL A 300 4.40 -6.86 12.33
CA VAL A 300 5.09 -6.49 11.10
C VAL A 300 5.52 -5.03 11.24
N SER A 301 6.77 -4.75 10.89
CA SER A 301 7.24 -3.37 10.86
C SER A 301 7.38 -2.87 9.42
N MET A 302 7.93 -1.68 9.24
CA MET A 302 7.96 -1.02 7.93
C MET A 302 8.73 -1.80 6.85
N ASP A 303 9.90 -2.27 7.20
CA ASP A 303 10.71 -3.00 6.25
C ASP A 303 10.96 -4.45 6.63
N MET A 304 10.55 -4.84 7.83
CA MET A 304 10.83 -6.18 8.31
C MET A 304 9.65 -6.98 8.85
N LEU A 305 9.80 -8.30 8.77
CA LEU A 305 8.80 -9.24 9.26
C LEU A 305 9.50 -10.36 10.00
N ALA A 306 8.84 -10.96 10.97
CA ALA A 306 9.43 -12.05 11.75
C ALA A 306 8.60 -13.33 11.68
N VAL A 307 9.28 -14.47 11.63
CA VAL A 307 8.61 -15.76 11.52
C VAL A 307 9.11 -16.75 12.57
N ASP A 308 8.22 -17.63 13.03
CA ASP A 308 8.58 -18.67 13.99
C ASP A 308 9.23 -19.85 13.25
N LEU A 309 10.52 -20.03 13.48
CA LEU A 309 11.29 -21.08 12.80
C LEU A 309 11.65 -22.26 13.71
N SER A 310 10.93 -22.37 14.83
CA SER A 310 11.19 -23.41 15.84
C SER A 310 11.07 -24.84 15.33
N ASP A 311 10.15 -25.07 14.39
CA ASP A 311 9.92 -26.40 13.80
C ASP A 311 10.60 -26.56 12.44
N LEU A 312 11.48 -25.61 12.11
CA LEU A 312 12.32 -25.73 10.92
C LEU A 312 13.80 -25.53 11.29
N PRO A 313 14.41 -26.55 11.93
CA PRO A 313 15.76 -26.42 12.49
C PRO A 313 16.84 -26.16 11.44
N GLU A 314 16.57 -26.58 10.20
CA GLU A 314 17.54 -26.45 9.11
C GLU A 314 17.51 -25.11 8.38
N ALA A 315 16.55 -24.27 8.72
CA ALA A 315 16.46 -22.93 8.13
C ALA A 315 17.67 -22.08 8.50
N ARG A 316 18.22 -21.37 7.51
CA ARG A 316 19.42 -20.55 7.68
C ARG A 316 19.25 -19.17 7.06
N VAL A 317 20.01 -18.20 7.56
CA VAL A 317 20.06 -16.86 6.96
C VAL A 317 20.43 -16.99 5.48
N GLY A 318 19.63 -16.34 4.63
CA GLY A 318 19.81 -16.40 3.19
C GLY A 318 18.75 -17.22 2.48
N ASP A 319 18.01 -18.04 3.24
CA ASP A 319 16.96 -18.90 2.68
C ASP A 319 15.80 -18.09 2.08
N PRO A 320 15.25 -18.55 0.94
CA PRO A 320 14.15 -17.83 0.30
C PRO A 320 12.86 -17.89 1.12
N VAL A 321 12.13 -16.78 1.15
CA VAL A 321 10.86 -16.71 1.86
C VAL A 321 9.75 -16.31 0.88
N GLU A 322 8.79 -17.20 0.67
CA GLU A 322 7.62 -16.87 -0.15
C GLU A 322 6.50 -16.26 0.70
N LEU A 323 6.21 -14.98 0.47
CA LEU A 323 5.11 -14.31 1.15
C LEU A 323 3.79 -14.68 0.49
N TRP A 324 3.82 -14.79 -0.84
CA TRP A 324 2.74 -15.41 -1.62
C TRP A 324 3.19 -15.71 -3.05
N GLY A 325 2.50 -16.65 -3.70
CA GLY A 325 2.83 -17.05 -5.07
C GLY A 325 2.22 -18.39 -5.45
N ALA A 326 3.03 -19.22 -6.13
CA ALA A 326 2.59 -20.53 -6.58
C ALA A 326 2.55 -21.57 -5.44
N GLY A 327 3.34 -21.33 -4.40
CA GLY A 327 3.39 -22.24 -3.25
C GLY A 327 2.36 -21.92 -2.18
N LEU A 328 2.10 -20.63 -1.97
CA LEU A 328 1.19 -20.16 -0.94
C LEU A 328 0.29 -19.07 -1.52
N SER A 329 -1.03 -19.31 -1.46
CA SER A 329 -1.99 -18.46 -2.13
C SER A 329 -2.14 -17.09 -1.47
N VAL A 330 -2.08 -16.05 -2.29
CA VAL A 330 -2.29 -14.68 -1.83
C VAL A 330 -3.64 -14.60 -1.12
N ASP A 331 -4.57 -15.44 -1.56
CA ASP A 331 -5.92 -15.51 -0.97
C ASP A 331 -5.89 -16.05 0.46
N GLU A 332 -5.08 -17.07 0.71
CA GLU A 332 -4.94 -17.60 2.08
C GLU A 332 -4.32 -16.57 3.00
N VAL A 333 -3.26 -15.91 2.53
CA VAL A 333 -2.56 -14.89 3.34
C VAL A 333 -3.50 -13.73 3.64
N ALA A 334 -4.23 -13.28 2.62
CA ALA A 334 -5.20 -12.20 2.78
C ALA A 334 -6.32 -12.54 3.76
N ARG A 335 -6.79 -13.79 3.71
CA ARG A 335 -7.85 -14.27 4.61
C ARG A 335 -7.38 -14.23 6.07
N ALA A 336 -6.13 -14.62 6.29
CA ALA A 336 -5.52 -14.54 7.62
C ALA A 336 -5.38 -13.10 8.11
N CYS A 337 -5.23 -12.17 7.16
CA CYS A 337 -5.07 -10.76 7.47
C CYS A 337 -6.39 -10.00 7.52
N GLY A 338 -7.50 -10.73 7.40
CA GLY A 338 -8.84 -10.14 7.47
C GLY A 338 -9.22 -9.27 6.27
N THR A 339 -8.68 -9.62 5.10
CA THR A 339 -8.93 -8.87 3.87
C THR A 339 -8.88 -9.81 2.64
N LEU A 340 -8.80 -9.25 1.44
CA LEU A 340 -8.80 -10.06 0.21
C LEU A 340 -7.55 -9.87 -0.65
N GLY A 341 -7.30 -10.83 -1.55
CA GLY A 341 -6.18 -10.80 -2.48
C GLY A 341 -6.03 -9.48 -3.23
N TYR A 342 -7.16 -8.90 -3.63
CA TYR A 342 -7.17 -7.58 -4.25
C TYR A 342 -6.19 -6.62 -3.57
N GLU A 343 -6.32 -6.47 -2.25
CA GLU A 343 -5.57 -5.47 -1.52
C GLU A 343 -4.07 -5.77 -1.48
N LEU A 344 -3.72 -7.02 -1.18
CA LEU A 344 -2.32 -7.43 -1.11
C LEU A 344 -1.61 -7.24 -2.45
N LEU A 345 -2.25 -7.67 -3.53
CA LEU A 345 -1.69 -7.58 -4.88
C LEU A 345 -1.53 -6.14 -5.36
N SER A 346 -2.58 -5.34 -5.24
CA SER A 346 -2.57 -3.99 -5.81
C SER A 346 -1.79 -2.97 -4.97
N LYS A 347 -1.38 -3.35 -3.76
CA LYS A 347 -0.63 -2.45 -2.89
C LYS A 347 0.86 -2.74 -2.74
N VAL A 348 1.36 -3.69 -3.52
CA VAL A 348 2.80 -3.91 -3.61
C VAL A 348 3.43 -2.63 -4.19
N THR A 349 4.26 -1.98 -3.38
CA THR A 349 4.71 -0.61 -3.66
C THR A 349 5.82 -0.51 -4.69
N ALA A 350 6.06 0.71 -5.18
CA ALA A 350 7.04 0.99 -6.24
C ALA A 350 8.44 0.46 -5.93
N ARG A 351 8.82 0.48 -4.65
CA ARG A 351 10.17 0.07 -4.26
C ARG A 351 10.42 -1.44 -4.31
N VAL A 352 9.35 -2.22 -4.49
CA VAL A 352 9.49 -3.64 -4.75
C VAL A 352 9.67 -3.83 -6.26
N PRO A 353 10.89 -4.23 -6.68
CA PRO A 353 11.11 -4.41 -8.12
C PRO A 353 10.26 -5.53 -8.69
N ARG A 354 9.83 -5.38 -9.93
CA ARG A 354 9.09 -6.41 -10.63
C ARG A 354 10.03 -7.11 -11.61
N ARG A 355 10.06 -8.44 -11.56
CA ARG A 355 10.75 -9.25 -12.59
C ARG A 355 9.70 -10.02 -13.37
N TYR A 356 9.93 -10.17 -14.67
CA TYR A 356 8.95 -10.83 -15.54
C TYR A 356 9.50 -12.12 -16.13
N SER A 357 8.75 -13.19 -15.97
CA SER A 357 9.26 -14.53 -16.24
C SER A 357 9.01 -15.02 -17.66
N HIS A 358 10.00 -15.77 -18.16
CA HIS A 358 10.00 -16.32 -19.52
C HIS A 358 10.83 -17.62 -19.57
N MET B 1 -8.09 15.44 -14.79
CA MET B 1 -7.39 14.34 -14.08
C MET B 1 -8.23 13.79 -12.93
N ARG B 2 -7.95 12.55 -12.54
CA ARG B 2 -8.57 11.94 -11.38
C ARG B 2 -8.31 12.85 -10.18
N PRO B 3 -9.37 13.33 -9.52
CA PRO B 3 -9.23 14.27 -8.39
C PRO B 3 -8.71 13.57 -7.13
N LEU B 4 -7.40 13.31 -7.11
CA LEU B 4 -6.72 12.77 -5.94
C LEU B 4 -5.25 13.18 -5.98
N VAL B 5 -4.85 13.96 -4.97
CA VAL B 5 -3.51 14.53 -4.92
C VAL B 5 -2.99 14.43 -3.49
N ALA B 6 -1.74 14.01 -3.35
CA ALA B 6 -1.03 14.11 -2.08
C ALA B 6 -0.14 15.35 -2.08
N THR B 7 -0.48 16.31 -1.24
CA THR B 7 0.32 17.52 -1.07
C THR B 7 1.26 17.37 0.13
N VAL B 8 2.54 17.58 -0.11
CA VAL B 8 3.55 17.50 0.94
C VAL B 8 4.06 18.89 1.32
N ASP B 9 3.87 19.23 2.60
CA ASP B 9 4.35 20.49 3.14
C ASP B 9 5.78 20.30 3.64
N LEU B 10 6.73 20.80 2.86
CA LEU B 10 8.14 20.59 3.14
C LEU B 10 8.65 21.42 4.32
N SER B 11 8.03 22.57 4.55
CA SER B 11 8.44 23.42 5.66
C SER B 11 8.00 22.81 6.99
N ALA B 12 6.89 22.07 6.98
CA ALA B 12 6.48 21.29 8.14
C ALA B 12 7.57 20.29 8.53
N ILE B 13 8.12 19.58 7.54
CA ILE B 13 9.17 18.59 7.79
C ILE B 13 10.42 19.23 8.40
N ARG B 14 10.79 20.40 7.90
CA ARG B 14 11.92 21.16 8.44
C ARG B 14 11.61 21.64 9.86
N HIS B 15 10.37 22.10 10.06
CA HIS B 15 9.89 22.51 11.38
C HIS B 15 9.99 21.34 12.34
N ASN B 16 9.43 20.20 11.95
CA ASN B 16 9.44 18.99 12.76
C ASN B 16 10.84 18.49 13.06
N TYR B 17 11.74 18.60 12.09
CA TYR B 17 13.12 18.19 12.30
C TYR B 17 13.83 19.12 13.30
N ALA B 18 13.59 20.42 13.18
CA ALA B 18 14.10 21.41 14.12
C ALA B 18 13.55 21.18 15.52
N LEU B 19 12.30 20.73 15.59
CA LEU B 19 11.67 20.41 16.87
C LEU B 19 12.35 19.21 17.55
N ALA B 20 12.68 18.18 16.75
CA ALA B 20 13.36 17.00 17.27
C ALA B 20 14.74 17.38 17.80
N LYS B 21 15.43 18.20 17.02
CA LYS B 21 16.72 18.76 17.38
C LYS B 21 16.68 19.48 18.75
N ARG B 22 15.63 20.27 18.97
CA ARG B 22 15.46 21.02 20.22
C ARG B 22 15.28 20.15 21.46
N CYS B 23 14.91 18.87 21.27
CA CYS B 23 14.79 17.93 22.39
C CYS B 23 16.13 17.54 22.98
N ALA B 24 17.20 17.65 22.18
CA ALA B 24 18.57 17.37 22.61
C ALA B 24 19.55 18.34 21.92
N PRO B 25 19.51 19.63 22.32
CA PRO B 25 20.14 20.71 21.54
C PRO B 25 21.65 20.60 21.28
N GLN B 26 22.37 19.88 22.14
CA GLN B 26 23.82 19.71 21.98
C GLN B 26 24.18 18.44 21.20
N ARG B 27 23.15 17.66 20.86
CA ARG B 27 23.35 16.37 20.23
C ARG B 27 23.04 16.37 18.73
N GLN B 28 23.19 15.22 18.09
CA GLN B 28 22.97 15.08 16.65
C GLN B 28 21.69 14.27 16.36
N ALA B 29 21.15 14.44 15.15
CA ALA B 29 19.95 13.71 14.74
C ALA B 29 19.97 13.26 13.28
N PHE B 30 19.83 11.94 13.07
CA PHE B 30 19.57 11.38 11.76
C PHE B 30 18.15 11.76 11.35
N ALA B 31 17.97 12.16 10.10
CA ALA B 31 16.63 12.22 9.52
C ALA B 31 16.36 10.85 8.93
N VAL B 32 15.43 10.11 9.52
CA VAL B 32 15.08 8.79 9.00
C VAL B 32 14.16 8.98 7.80
N VAL B 33 14.66 8.58 6.62
CA VAL B 33 13.93 8.81 5.36
C VAL B 33 13.73 7.53 4.55
N ALA B 35 11.86 4.02 3.15
CA ALA B 35 10.58 3.81 2.47
C ALA B 35 10.07 5.08 1.76
N ASN B 36 10.93 5.67 0.93
CA ASN B 36 10.60 6.86 0.13
C ASN B 36 10.19 8.04 1.02
N ALA B 37 10.97 8.25 2.07
CA ALA B 37 10.66 9.20 3.15
C ALA B 37 9.23 9.01 3.67
N TYR B 38 8.92 7.77 4.05
CA TYR B 38 7.60 7.39 4.57
C TYR B 38 6.48 7.80 3.61
N GLY B 39 6.71 7.58 2.32
CA GLY B 39 5.72 7.87 1.29
C GLY B 39 5.61 9.31 0.83
N HIS B 40 6.47 10.18 1.38
CA HIS B 40 6.42 11.62 1.09
C HIS B 40 7.31 12.05 -0.09
N GLY B 41 8.29 11.22 -0.44
CA GLY B 41 9.21 11.52 -1.53
C GLY B 41 10.61 11.78 -1.02
N ALA B 42 11.47 10.77 -1.08
CA ALA B 42 12.83 10.84 -0.53
C ALA B 42 13.66 11.95 -1.19
N ARG B 43 13.61 12.04 -2.51
CA ARG B 43 14.32 13.08 -3.25
C ARG B 43 13.96 14.48 -2.75
N GLU B 44 12.67 14.73 -2.58
CA GLU B 44 12.21 16.07 -2.17
C GLU B 44 12.48 16.35 -0.70
N VAL B 45 12.34 15.34 0.15
CA VAL B 45 12.60 15.48 1.58
C VAL B 45 14.09 15.71 1.88
N VAL B 46 14.95 14.90 1.29
CA VAL B 46 16.39 15.10 1.42
C VAL B 46 16.80 16.50 0.94
N THR B 47 16.19 16.96 -0.15
CA THR B 47 16.46 18.31 -0.68
C THR B 47 16.02 19.42 0.28
N ALA B 48 14.83 19.29 0.86
CA ALA B 48 14.33 20.26 1.84
C ALA B 48 15.19 20.29 3.12
N LEU B 49 15.73 19.13 3.51
CA LEU B 49 16.57 19.04 4.71
C LEU B 49 18.07 18.99 4.39
N HIS B 50 18.43 19.39 3.17
CA HIS B 50 19.81 19.30 2.68
C HIS B 50 20.86 19.87 3.64
N ASP B 51 20.60 21.06 4.16
CA ASP B 51 21.55 21.73 5.04
C ASP B 51 21.21 21.54 6.53
N ASP B 52 19.91 21.38 6.81
CA ASP B 52 19.42 21.21 8.18
C ASP B 52 19.89 19.91 8.83
N ALA B 53 19.84 18.82 8.06
CA ALA B 53 20.04 17.48 8.61
C ALA B 53 21.49 17.18 8.94
N ASP B 54 21.72 16.73 10.18
CA ASP B 54 23.03 16.28 10.62
C ASP B 54 23.41 15.04 9.85
N GLY B 55 22.42 14.21 9.53
CA GLY B 55 22.63 13.00 8.75
C GLY B 55 21.33 12.39 8.24
N PHE B 56 21.46 11.27 7.54
CA PHE B 56 20.32 10.55 6.99
C PHE B 56 20.41 9.06 7.29
N ALA B 57 19.27 8.45 7.59
CA ALA B 57 19.18 7.02 7.82
C ALA B 57 18.17 6.40 6.86
N VAL B 58 18.55 5.25 6.30
CA VAL B 58 17.71 4.55 5.33
C VAL B 58 17.74 3.04 5.59
N ALA B 59 16.88 2.30 4.88
CA ALA B 59 16.71 0.87 5.12
C ALA B 59 17.58 -0.02 4.24
N CYS B 60 17.96 0.48 3.07
CA CYS B 60 18.74 -0.31 2.13
C CYS B 60 19.73 0.52 1.30
N LEU B 61 20.56 -0.17 0.53
CA LEU B 61 21.55 0.46 -0.35
C LEU B 61 20.92 1.30 -1.47
N GLU B 62 19.84 0.80 -2.06
CA GLU B 62 19.09 1.51 -3.11
C GLU B 62 18.73 2.91 -2.63
N GLU B 63 18.18 2.98 -1.42
CA GLU B 63 17.81 4.25 -0.78
C GLU B 63 19.03 5.10 -0.43
N ALA B 64 20.09 4.44 0.06
CA ALA B 64 21.32 5.13 0.42
C ALA B 64 21.98 5.77 -0.82
N ALA B 65 21.97 5.04 -1.93
CA ALA B 65 22.48 5.52 -3.22
C ALA B 65 21.73 6.76 -3.68
N GLU B 66 20.42 6.77 -3.46
CA GLU B 66 19.58 7.90 -3.83
C GLU B 66 19.92 9.15 -2.98
N VAL B 67 20.09 8.96 -1.67
CA VAL B 67 20.44 10.07 -0.77
C VAL B 67 21.84 10.63 -1.11
N ARG B 68 22.81 9.73 -1.32
CA ARG B 68 24.18 10.15 -1.62
C ARG B 68 24.26 10.95 -2.93
N ALA B 69 23.51 10.53 -3.94
CA ALA B 69 23.47 11.25 -5.21
C ALA B 69 23.03 12.70 -5.01
N LEU B 70 22.19 12.92 -4.00
CA LEU B 70 21.66 14.25 -3.67
C LEU B 70 22.52 15.01 -2.65
N HIS B 71 23.15 14.29 -1.75
CA HIS B 71 24.05 14.91 -0.78
C HIS B 71 25.41 14.20 -0.78
N ALA B 72 26.40 14.88 -1.33
CA ALA B 72 27.70 14.28 -1.61
C ALA B 72 28.52 13.94 -0.37
N SER B 73 28.31 14.71 0.72
CA SER B 73 29.15 14.63 1.91
C SER B 73 28.47 14.11 3.18
N ALA B 74 27.14 14.25 3.25
CA ALA B 74 26.40 13.92 4.47
C ALA B 74 26.60 12.49 4.95
N ARG B 75 26.41 12.30 6.25
CA ARG B 75 26.43 11.00 6.89
C ARG B 75 25.16 10.22 6.56
N ILE B 76 25.34 9.02 6.01
CA ILE B 76 24.20 8.17 5.65
C ILE B 76 24.32 6.81 6.30
N LEU B 77 23.32 6.47 7.12
CA LEU B 77 23.32 5.21 7.86
C LEU B 77 22.46 4.13 7.21
N LEU B 78 23.05 2.96 7.02
CA LEU B 78 22.32 1.77 6.58
C LEU B 78 21.78 1.06 7.81
N LEU B 79 20.53 1.38 8.18
CA LEU B 79 19.91 0.87 9.40
C LEU B 79 19.95 -0.65 9.56
N GLU B 80 19.87 -1.37 8.45
CA GLU B 80 19.89 -2.84 8.47
C GLU B 80 21.24 -3.38 7.99
N GLY B 81 22.17 -2.47 7.70
CA GLY B 81 23.47 -2.85 7.14
C GLY B 81 23.38 -3.35 5.71
N CYS B 82 24.35 -4.17 5.30
CA CYS B 82 24.37 -4.74 3.96
C CYS B 82 23.70 -6.11 3.92
N PHE B 83 22.96 -6.36 2.84
CA PHE B 83 22.22 -7.60 2.66
C PHE B 83 23.01 -8.73 1.98
N GLU B 84 24.06 -8.38 1.24
CA GLU B 84 24.87 -9.38 0.54
C GLU B 84 26.30 -8.89 0.26
N ALA B 85 27.18 -9.85 -0.02
CA ALA B 85 28.60 -9.59 -0.30
C ALA B 85 28.86 -8.41 -1.25
N SER B 86 28.12 -8.36 -2.36
CA SER B 86 28.39 -7.37 -3.43
C SER B 86 28.07 -5.92 -3.05
N GLU B 87 27.35 -5.74 -1.94
CA GLU B 87 26.95 -4.40 -1.49
C GLU B 87 28.11 -3.64 -0.86
N TYR B 88 29.05 -4.35 -0.24
CA TYR B 88 30.16 -3.72 0.49
C TYR B 88 31.02 -2.77 -0.34
N ALA B 89 31.38 -3.21 -1.56
CA ALA B 89 32.15 -2.36 -2.49
C ALA B 89 31.41 -1.05 -2.76
N LEU B 90 30.12 -1.13 -3.07
CA LEU B 90 29.33 0.07 -3.36
C LEU B 90 29.18 0.97 -2.12
N ALA B 91 29.04 0.34 -0.95
CA ALA B 91 28.92 1.06 0.32
C ALA B 91 30.18 1.85 0.64
N GLY B 92 31.33 1.26 0.32
CA GLY B 92 32.63 1.91 0.44
C GLY B 92 32.73 3.13 -0.46
N GLN B 93 32.36 2.97 -1.72
CA GLN B 93 32.39 4.06 -2.70
C GLN B 93 31.48 5.22 -2.34
N LEU B 94 30.28 4.90 -1.85
CA LEU B 94 29.31 5.92 -1.44
C LEU B 94 29.53 6.38 0.00
N ARG B 95 30.61 5.89 0.60
CA ARG B 95 31.02 6.28 1.96
C ARG B 95 29.88 6.23 2.98
N LEU B 96 29.24 5.07 3.06
CA LEU B 96 28.09 4.88 3.95
C LEU B 96 28.51 4.42 5.36
N ASP B 97 27.67 4.74 6.34
CA ASP B 97 27.81 4.17 7.68
C ASP B 97 27.16 2.80 7.69
N LEU B 98 27.94 1.79 8.07
CA LEU B 98 27.48 0.40 8.05
C LEU B 98 26.90 -0.02 9.39
N VAL B 99 25.98 -0.98 9.35
CA VAL B 99 25.49 -1.66 10.54
C VAL B 99 25.86 -3.14 10.47
N ILE B 100 26.41 -3.65 11.57
CA ILE B 100 26.59 -5.09 11.75
C ILE B 100 25.69 -5.54 12.91
N GLN B 101 24.78 -6.46 12.61
CA GLN B 101 23.73 -6.85 13.55
C GLN B 101 23.65 -8.36 13.78
N GLY B 102 24.48 -9.12 13.07
CA GLY B 102 24.54 -10.57 13.22
C GLY B 102 25.93 -11.08 12.84
N ALA B 103 26.15 -12.38 13.08
CA ALA B 103 27.46 -13.00 12.81
C ALA B 103 27.74 -13.11 11.30
N GLU B 104 26.74 -13.56 10.54
CA GLU B 104 26.86 -13.67 9.09
C GLU B 104 27.29 -12.33 8.48
N GLN B 105 26.55 -11.28 8.84
CA GLN B 105 26.81 -9.93 8.36
C GLN B 105 28.21 -9.44 8.74
N GLY B 106 28.64 -9.77 9.95
CA GLY B 106 29.97 -9.41 10.43
C GLY B 106 31.07 -10.13 9.68
N GLU B 107 30.82 -11.40 9.36
CA GLU B 107 31.78 -12.23 8.63
C GLU B 107 31.87 -11.76 7.18
N ALA B 108 30.74 -11.31 6.63
CA ALA B 108 30.69 -10.74 5.29
C ALA B 108 31.48 -9.44 5.19
N PHE B 109 31.47 -8.65 6.27
CA PHE B 109 32.21 -7.40 6.29
C PHE B 109 33.72 -7.68 6.29
N LEU B 110 34.13 -8.60 7.16
CA LEU B 110 35.52 -9.04 7.24
C LEU B 110 36.03 -9.60 5.89
N ALA B 111 35.20 -10.39 5.24
CA ALA B 111 35.55 -11.01 3.96
C ALA B 111 35.60 -10.02 2.78
N ALA B 112 34.95 -8.87 2.95
CA ALA B 112 34.86 -7.87 1.88
C ALA B 112 36.20 -7.20 1.56
N GLY B 113 37.03 -7.04 2.59
CA GLY B 113 38.36 -6.46 2.43
C GLY B 113 38.38 -5.07 1.81
N LEU B 114 37.59 -4.15 2.36
CA LEU B 114 37.51 -2.78 1.86
C LEU B 114 38.72 -1.96 2.32
N ASP B 115 39.33 -1.26 1.37
CA ASP B 115 40.45 -0.36 1.67
C ASP B 115 39.99 0.88 2.41
N ILE B 116 38.92 1.51 1.90
CA ILE B 116 38.37 2.74 2.48
C ILE B 116 37.77 2.49 3.88
N PRO B 117 38.25 3.24 4.89
CA PRO B 117 37.69 3.10 6.24
C PRO B 117 36.28 3.66 6.34
N LEU B 118 35.41 2.94 7.06
CA LEU B 118 34.02 3.33 7.22
C LEU B 118 33.59 3.31 8.70
N ASN B 119 32.59 4.13 9.03
CA ASN B 119 31.96 4.07 10.34
C ASN B 119 31.10 2.81 10.42
N VAL B 120 31.31 2.01 11.47
CA VAL B 120 30.57 0.77 11.69
C VAL B 120 29.77 0.86 12.99
N TRP B 121 28.47 0.60 12.88
CA TRP B 121 27.55 0.65 14.00
C TRP B 121 27.16 -0.77 14.40
N LEU B 122 27.57 -1.18 15.58
CA LEU B 122 27.21 -2.50 16.09
C LEU B 122 25.83 -2.44 16.72
N LYS B 123 24.95 -3.34 16.29
CA LYS B 123 23.57 -3.32 16.74
C LYS B 123 23.35 -4.27 17.91
N LEU B 124 22.90 -3.69 19.03
CA LEU B 124 22.48 -4.45 20.20
C LEU B 124 21.00 -4.77 20.10
N ASP B 125 20.66 -6.05 20.23
CA ASP B 125 19.30 -6.47 20.48
C ASP B 125 19.05 -6.28 21.97
N SER B 126 18.24 -5.27 22.32
CA SER B 126 17.99 -4.97 23.72
C SER B 126 16.61 -5.43 24.21
N GLY B 127 15.91 -6.23 23.41
CA GLY B 127 14.61 -6.76 23.81
C GLY B 127 13.62 -6.94 22.67
N MET B 128 13.91 -6.32 21.54
CA MET B 128 13.08 -6.42 20.34
C MET B 128 13.11 -7.84 19.78
N HIS B 129 14.24 -8.51 19.93
CA HIS B 129 14.45 -9.90 19.50
C HIS B 129 14.18 -10.20 18.00
N ARG B 130 14.56 -9.26 17.15
CA ARG B 130 14.60 -9.50 15.70
C ARG B 130 16.04 -9.39 15.18
N LEU B 131 16.54 -8.16 15.06
CA LEU B 131 17.93 -7.92 14.64
C LEU B 131 18.81 -7.61 15.84
N GLY B 132 20.12 -7.72 15.67
CA GLY B 132 21.08 -7.33 16.70
C GLY B 132 21.75 -8.46 17.45
N PHE B 133 22.87 -8.15 18.09
CA PHE B 133 23.60 -9.10 18.92
C PHE B 133 23.06 -9.12 20.34
N ASP B 134 23.26 -10.22 21.04
CA ASP B 134 23.16 -10.23 22.49
C ASP B 134 24.46 -9.58 23.04
N PRO B 135 24.46 -9.16 24.32
CA PRO B 135 25.64 -8.43 24.83
C PRO B 135 27.00 -9.15 24.66
N ALA B 136 27.06 -10.45 24.95
CA ALA B 136 28.30 -11.23 24.86
C ALA B 136 28.89 -11.22 23.44
N ALA B 137 28.02 -11.42 22.45
CA ALA B 137 28.45 -11.46 21.06
C ALA B 137 28.92 -10.08 20.56
N LEU B 138 28.23 -9.03 20.99
CA LEU B 138 28.58 -7.66 20.61
C LEU B 138 29.95 -7.28 21.20
N ARG B 139 30.20 -7.74 22.41
CA ARG B 139 31.50 -7.56 23.07
C ARG B 139 32.60 -8.24 22.27
N ALA B 140 32.30 -9.45 21.78
CA ALA B 140 33.22 -10.21 20.94
C ALA B 140 33.52 -9.48 19.62
N TRP B 141 32.49 -8.90 19.01
CA TRP B 141 32.68 -8.17 17.77
C TRP B 141 33.30 -6.79 17.98
N HIS B 142 33.09 -6.20 19.14
CA HIS B 142 33.77 -4.96 19.50
C HIS B 142 35.29 -5.20 19.60
N ALA B 143 35.66 -6.35 20.16
CA ALA B 143 37.06 -6.75 20.25
C ALA B 143 37.70 -6.97 18.87
N ARG B 144 36.98 -7.61 17.96
CA ARG B 144 37.52 -7.88 16.62
C ARG B 144 37.58 -6.65 15.71
N LEU B 145 36.79 -5.62 16.02
CA LEU B 145 36.63 -4.48 15.11
C LEU B 145 37.26 -3.17 15.57
N ARG B 146 37.53 -3.04 16.86
CA ARG B 146 38.03 -1.76 17.42
C ARG B 146 39.30 -1.24 16.76
N SER B 147 40.22 -2.15 16.43
CA SER B 147 41.51 -1.79 15.86
C SER B 147 41.66 -2.29 14.41
N HIS B 148 40.52 -2.58 13.77
CA HIS B 148 40.49 -3.00 12.36
C HIS B 148 40.81 -1.79 11.45
N PRO B 149 41.67 -2.01 10.43
CA PRO B 149 42.11 -0.90 9.57
C PRO B 149 41.00 -0.25 8.75
N GLY B 150 39.97 -1.02 8.41
CA GLY B 150 38.83 -0.50 7.65
C GLY B 150 37.72 0.11 8.50
N VAL B 151 37.96 0.23 9.80
CA VAL B 151 36.96 0.81 10.68
C VAL B 151 37.38 2.19 11.13
N ARG B 152 36.58 3.20 10.81
CA ARG B 152 36.89 4.55 11.22
C ARG B 152 36.27 4.83 12.58
N GLU B 153 34.98 4.66 12.68
CA GLU B 153 34.27 4.89 13.91
C GLU B 153 33.59 3.61 14.31
N LEU B 154 33.81 3.16 15.54
CA LEU B 154 33.05 2.00 15.98
C LEU B 154 31.98 2.51 16.93
N ASN B 155 30.72 2.22 16.59
CA ASN B 155 29.58 2.83 17.26
C ASN B 155 28.56 1.80 17.76
N LEU B 156 27.63 2.27 18.59
CA LEU B 156 26.61 1.41 19.18
C LEU B 156 25.20 1.90 18.85
N ILE B 157 24.34 0.97 18.42
CA ILE B 157 22.95 1.27 18.10
C ILE B 157 21.99 0.20 18.65
N SER B 158 20.85 0.67 19.19
CA SER B 158 19.77 -0.21 19.60
C SER B 158 18.42 0.48 19.46
N HIS B 159 17.34 -0.30 19.51
CA HIS B 159 15.99 0.21 19.22
C HIS B 159 14.96 -0.19 20.29
N PHE B 160 14.12 0.77 20.69
CA PHE B 160 13.05 0.51 21.66
C PHE B 160 11.87 -0.26 21.05
N ALA B 161 11.31 -1.20 21.82
CA ALA B 161 10.18 -1.99 21.35
C ALA B 161 8.81 -1.41 21.73
N CYS B 162 8.76 -0.65 22.84
CA CYS B 162 7.49 -0.15 23.35
C CYS B 162 7.57 1.29 23.83
N ALA B 163 8.50 2.05 23.26
CA ALA B 163 8.69 3.47 23.63
C ALA B 163 7.46 4.35 23.37
N ASP B 164 6.55 3.87 22.52
CA ASP B 164 5.31 4.57 22.22
C ASP B 164 4.34 4.57 23.41
N GLU B 165 4.45 3.54 24.26
CA GLU B 165 3.66 3.45 25.48
C GLU B 165 4.31 4.30 26.56
N ARG B 166 3.49 4.94 27.39
CA ARG B 166 3.96 5.91 28.39
C ARG B 166 4.80 5.24 29.47
N ASN B 167 4.41 4.03 29.86
CA ASN B 167 5.09 3.32 30.93
C ASN B 167 5.00 1.79 30.73
N HIS B 168 5.76 1.30 29.75
CA HIS B 168 5.92 -0.13 29.57
C HIS B 168 7.27 -0.56 30.15
N PRO B 169 7.28 -1.63 30.98
CA PRO B 169 8.48 -2.06 31.71
C PRO B 169 9.69 -2.29 30.80
N LEU B 170 9.48 -2.86 29.62
CA LEU B 170 10.56 -3.19 28.70
C LEU B 170 11.39 -1.96 28.29
N THR B 171 10.76 -0.79 28.29
CA THR B 171 11.42 0.46 27.94
C THR B 171 12.58 0.77 28.88
N GLU B 172 12.32 0.74 30.18
CA GLU B 172 13.37 0.93 31.19
C GLU B 172 14.41 -0.19 31.14
N GLN B 173 13.94 -1.43 30.91
CA GLN B 173 14.83 -2.59 30.78
C GLN B 173 15.81 -2.44 29.62
N GLN B 174 15.29 -2.03 28.46
CA GLN B 174 16.11 -1.81 27.27
C GLN B 174 17.16 -0.72 27.50
N LEU B 175 16.74 0.38 28.14
CA LEU B 175 17.63 1.50 28.47
C LEU B 175 18.80 1.06 29.35
N GLU B 176 18.49 0.24 30.36
CA GLU B 176 19.51 -0.30 31.26
C GLU B 176 20.40 -1.30 30.57
N SER B 177 19.83 -2.06 29.64
CA SER B 177 20.59 -3.01 28.85
C SER B 177 21.57 -2.27 27.94
N PHE B 178 21.12 -1.16 27.37
CA PHE B 178 21.97 -0.34 26.52
C PHE B 178 23.15 0.21 27.32
N LEU B 179 22.88 0.59 28.56
CA LEU B 179 23.90 1.14 29.43
C LEU B 179 24.85 0.11 30.01
N GLY B 180 24.50 -1.17 29.87
CA GLY B 180 25.38 -2.27 30.26
C GLY B 180 26.63 -2.34 29.39
N LEU B 181 26.64 -1.60 28.28
CA LEU B 181 27.79 -1.58 27.38
C LEU B 181 28.55 -0.26 27.42
N LEU B 182 28.32 0.52 28.48
CA LEU B 182 28.96 1.83 28.65
C LEU B 182 30.49 1.72 28.77
N ASP B 183 30.99 0.54 29.16
CA ASP B 183 32.43 0.32 29.29
C ASP B 183 33.19 0.28 27.96
N LEU B 184 32.53 -0.23 26.91
CA LEU B 184 33.18 -0.35 25.61
C LEU B 184 33.41 1.01 24.97
N ASP B 185 34.59 1.16 24.36
CA ASP B 185 34.94 2.38 23.65
C ASP B 185 34.11 2.48 22.37
N PHE B 186 33.05 3.28 22.44
CA PHE B 186 32.28 3.64 21.26
C PHE B 186 32.48 5.11 20.94
N ASP B 187 32.53 5.44 19.65
CA ASP B 187 32.65 6.83 19.22
C ASP B 187 31.30 7.53 19.22
N GLN B 188 30.26 6.79 18.84
CA GLN B 188 28.89 7.29 18.87
C GLN B 188 27.96 6.25 19.45
N ARG B 189 26.91 6.71 20.10
CA ARG B 189 25.86 5.84 20.57
C ARG B 189 24.50 6.37 20.10
N SER B 190 23.63 5.46 19.67
CA SER B 190 22.30 5.82 19.19
C SER B 190 21.22 4.88 19.73
N LEU B 191 20.18 5.46 20.35
CA LEU B 191 19.10 4.67 20.93
C LEU B 191 17.69 5.20 20.59
N ALA B 192 17.57 6.52 20.47
CA ALA B 192 16.26 7.17 20.46
C ALA B 192 15.58 7.23 19.10
N ASN B 193 14.38 6.64 19.01
CA ASN B 193 13.48 6.87 17.88
C ASN B 193 12.61 8.08 18.21
N SER B 194 11.61 8.36 17.37
CA SER B 194 10.77 9.54 17.60
C SER B 194 10.19 9.58 19.00
N ALA B 195 9.64 8.44 19.44
CA ALA B 195 9.00 8.33 20.76
C ALA B 195 10.00 8.62 21.88
N ALA B 196 11.20 8.09 21.75
CA ALA B 196 12.27 8.31 22.72
C ALA B 196 12.76 9.76 22.71
N VAL B 197 12.95 10.30 21.51
CA VAL B 197 13.31 11.71 21.32
C VAL B 197 12.41 12.61 22.18
N LEU B 198 11.11 12.38 22.11
CA LEU B 198 10.15 13.24 22.76
C LEU B 198 9.93 12.99 24.25
N THR B 199 10.12 11.76 24.71
CA THR B 199 9.72 11.39 26.09
C THR B 199 10.78 10.75 26.99
N ILE B 200 11.92 10.34 26.43
CA ILE B 200 12.97 9.67 27.23
C ILE B 200 14.34 10.36 27.05
N PRO B 201 14.54 11.51 27.71
CA PRO B 201 15.79 12.28 27.59
C PRO B 201 17.05 11.47 27.91
N ALA B 202 16.92 10.47 28.79
CA ALA B 202 18.05 9.65 29.19
C ALA B 202 18.58 8.76 28.04
N ALA B 203 17.76 8.56 27.02
CA ALA B 203 18.10 7.70 25.89
C ALA B 203 18.60 8.49 24.67
N HIS B 204 18.73 9.81 24.81
CA HIS B 204 19.13 10.66 23.68
C HIS B 204 20.52 10.33 23.12
N MET B 205 21.46 9.97 24.00
CA MET B 205 22.81 9.59 23.60
C MET B 205 23.44 10.61 22.65
N ASP B 206 24.09 10.17 21.57
CA ASP B 206 24.78 11.09 20.65
C ASP B 206 23.99 11.42 19.39
N TRP B 207 23.34 10.40 18.82
CA TRP B 207 22.57 10.55 17.60
C TRP B 207 21.12 10.14 17.79
N LEU B 208 20.21 11.09 17.61
CA LEU B 208 18.78 10.80 17.65
C LEU B 208 18.38 10.21 16.30
N ARG B 209 17.32 9.41 16.28
CA ARG B 209 16.85 8.83 15.02
C ARG B 209 15.36 9.06 14.79
N PRO B 210 14.94 10.34 14.69
CA PRO B 210 13.51 10.62 14.47
C PRO B 210 13.04 10.27 13.07
N GLY B 211 12.00 9.45 12.99
CA GLY B 211 11.38 9.13 11.70
C GLY B 211 10.01 9.74 11.61
N ILE B 212 9.03 9.06 12.20
CA ILE B 212 7.62 9.40 12.06
C ILE B 212 7.27 10.84 12.43
N MET B 213 7.89 11.37 13.50
CA MET B 213 7.60 12.72 13.98
C MET B 213 7.92 13.83 12.96
N LEU B 214 8.89 13.54 12.09
CA LEU B 214 9.29 14.50 11.04
C LEU B 214 8.15 14.77 10.06
N TYR B 215 7.20 13.83 10.01
CA TYR B 215 6.12 13.91 9.03
C TYR B 215 4.80 14.35 9.68
N GLY B 216 4.86 14.67 10.98
CA GLY B 216 3.72 15.23 11.68
C GLY B 216 2.70 14.20 12.14
N SER B 217 3.17 12.96 12.25
CA SER B 217 2.39 11.85 12.79
C SER B 217 2.99 11.50 14.16
N THR B 218 2.12 11.29 15.15
CA THR B 218 2.59 11.00 16.52
C THR B 218 3.22 9.62 16.68
N PRO B 219 4.37 9.56 17.38
CA PRO B 219 4.97 8.28 17.75
C PRO B 219 4.39 7.74 19.05
N LEU B 220 3.55 8.52 19.70
CA LEU B 220 3.04 8.16 21.02
C LEU B 220 1.61 7.66 20.97
N ALA B 221 1.31 6.71 21.86
CA ALA B 221 -0.01 6.13 21.96
C ALA B 221 -0.99 7.02 22.72
N ASP B 222 -0.47 7.92 23.56
CA ASP B 222 -1.30 8.71 24.48
C ASP B 222 -1.33 10.22 24.21
N LEU B 223 -0.46 10.70 23.32
CA LEU B 223 -0.47 12.11 22.92
C LEU B 223 -0.58 12.22 21.41
N SER B 224 -1.35 13.22 20.95
CA SER B 224 -1.55 13.45 19.53
C SER B 224 -0.39 14.28 18.98
N ALA B 225 -0.28 14.31 17.65
CA ALA B 225 0.68 15.17 16.96
C ALA B 225 0.44 16.65 17.26
N ALA B 226 -0.84 17.03 17.34
CA ALA B 226 -1.21 18.41 17.65
C ALA B 226 -0.75 18.78 19.07
N GLU B 227 -0.94 17.88 20.02
CA GLU B 227 -0.50 18.10 21.40
C GLU B 227 1.03 18.23 21.47
N LEU B 228 1.73 17.49 20.61
CA LEU B 228 3.20 17.50 20.60
C LEU B 228 3.84 18.64 19.78
N GLY B 229 3.02 19.43 19.10
CA GLY B 229 3.51 20.57 18.31
C GLY B 229 4.07 20.22 16.93
N LEU B 230 3.78 19.00 16.47
CA LEU B 230 4.20 18.54 15.16
C LEU B 230 3.21 18.98 14.08
N LYS B 231 3.74 19.47 12.97
CA LYS B 231 2.93 19.89 11.83
C LYS B 231 2.80 18.76 10.81
N PRO B 232 1.55 18.45 10.40
CA PRO B 232 1.33 17.38 9.40
C PRO B 232 1.91 17.72 8.03
N ALA B 233 2.69 16.79 7.48
CA ALA B 233 3.33 16.99 6.20
C ALA B 233 2.43 16.64 5.00
N MET B 234 1.70 15.53 5.10
CA MET B 234 0.91 15.05 3.96
C MET B 234 -0.57 15.36 4.07
N SER B 235 -1.11 15.95 3.00
CA SER B 235 -2.55 16.14 2.81
C SER B 235 -3.01 15.31 1.63
N LEU B 236 -3.79 14.27 1.91
CA LEU B 236 -4.36 13.42 0.87
C LEU B 236 -5.77 13.91 0.53
N GLY B 237 -5.87 14.73 -0.52
CA GLY B 237 -7.13 15.35 -0.90
C GLY B 237 -7.78 14.68 -2.10
N ALA B 238 -9.08 14.40 -1.97
CA ALA B 238 -9.88 13.86 -3.06
C ALA B 238 -11.13 14.72 -3.26
N GLN B 239 -12.13 14.15 -3.92
CA GLN B 239 -13.31 14.89 -4.33
C GLN B 239 -14.55 14.00 -4.35
N LEU B 240 -15.72 14.62 -4.15
CA LEU B 240 -17.00 13.94 -4.31
C LEU B 240 -17.33 13.78 -5.79
N ILE B 241 -17.25 12.56 -6.29
CA ILE B 241 -17.53 12.29 -7.70
C ILE B 241 -18.99 11.88 -7.95
N SER B 242 -19.71 11.55 -6.87
CA SER B 242 -21.11 11.12 -7.00
C SER B 242 -21.92 11.35 -5.73
N LEU B 243 -23.19 11.72 -5.92
CA LEU B 243 -24.16 11.84 -4.83
C LEU B 243 -25.42 11.05 -5.14
N ARG B 244 -25.84 10.24 -4.18
CA ARG B 244 -27.03 9.39 -4.34
C ARG B 244 -27.98 9.54 -3.16
N GLU B 245 -29.26 9.35 -3.45
CA GLU B 245 -30.27 9.19 -2.42
C GLU B 245 -30.46 7.69 -2.22
N VAL B 246 -30.43 7.24 -0.97
CA VAL B 246 -30.62 5.83 -0.67
C VAL B 246 -31.81 5.72 0.29
N ALA B 247 -32.80 4.93 -0.13
CA ALA B 247 -34.01 4.72 0.66
C ALA B 247 -33.77 3.73 1.80
N VAL B 248 -34.68 3.75 2.78
CA VAL B 248 -34.62 2.85 3.95
C VAL B 248 -34.56 1.39 3.51
N GLY B 249 -33.63 0.64 4.09
CA GLY B 249 -33.53 -0.80 3.80
C GLY B 249 -32.59 -1.18 2.67
N GLU B 250 -32.29 -0.23 1.80
CA GLU B 250 -31.33 -0.44 0.71
C GLU B 250 -29.90 -0.43 1.24
N SER B 251 -29.03 -1.22 0.60
CA SER B 251 -27.62 -1.36 1.03
C SER B 251 -26.65 -0.55 0.17
N VAL B 252 -25.44 -0.35 0.67
CA VAL B 252 -24.39 0.37 -0.04
C VAL B 252 -23.10 -0.44 -0.10
N GLY B 253 -22.58 -0.61 -1.31
CA GLY B 253 -21.28 -1.20 -1.53
C GLY B 253 -21.24 -2.72 -1.48
N TYR B 254 -20.04 -3.26 -1.59
CA TYR B 254 -19.80 -4.71 -1.61
C TYR B 254 -20.29 -5.41 -0.35
N GLY B 255 -20.84 -6.60 -0.54
CA GLY B 255 -21.29 -7.46 0.56
C GLY B 255 -22.54 -6.97 1.26
N ALA B 256 -23.13 -5.88 0.75
CA ALA B 256 -24.29 -5.22 1.35
C ALA B 256 -24.13 -5.00 2.87
N THR B 257 -22.93 -4.57 3.27
CA THR B 257 -22.56 -4.47 4.69
C THR B 257 -23.14 -3.24 5.41
N TRP B 258 -23.54 -2.24 4.64
CA TRP B 258 -24.11 -1.01 5.19
C TRP B 258 -25.54 -0.84 4.68
N ILE B 259 -26.49 -0.75 5.60
CA ILE B 259 -27.91 -0.66 5.27
C ILE B 259 -28.50 0.61 5.86
N ALA B 260 -29.19 1.39 5.03
CA ALA B 260 -29.79 2.64 5.49
C ALA B 260 -30.98 2.40 6.43
N GLU B 261 -30.97 3.11 7.55
CA GLU B 261 -32.05 3.09 8.53
C GLU B 261 -33.03 4.23 8.30
N ARG B 262 -32.52 5.31 7.70
CA ARG B 262 -33.33 6.47 7.35
C ARG B 262 -33.00 6.89 5.93
N PRO B 263 -33.86 7.74 5.30
CA PRO B 263 -33.48 8.30 4.00
C PRO B 263 -32.06 8.86 4.06
N ALA B 264 -31.17 8.31 3.23
CA ALA B 264 -29.75 8.62 3.32
C ALA B 264 -29.18 9.31 2.09
N ARG B 265 -28.19 10.16 2.32
CA ARG B 265 -27.38 10.71 1.23
C ARG B 265 -26.01 10.04 1.27
N ILE B 266 -25.64 9.38 0.17
CA ILE B 266 -24.37 8.69 0.04
C ILE B 266 -23.48 9.34 -1.03
N GLY B 267 -22.30 9.80 -0.61
CA GLY B 267 -21.32 10.39 -1.53
C GLY B 267 -20.21 9.41 -1.89
N THR B 268 -19.83 9.37 -3.16
CA THR B 268 -18.69 8.57 -3.60
C THR B 268 -17.46 9.46 -3.77
N VAL B 269 -16.33 8.97 -3.28
CA VAL B 269 -15.08 9.72 -3.22
C VAL B 269 -14.05 9.06 -4.12
N SER B 270 -13.22 9.87 -4.78
CA SER B 270 -12.17 9.37 -5.68
C SER B 270 -10.90 8.90 -4.94
N CYS B 271 -11.07 7.90 -4.08
CA CYS B 271 -9.97 7.28 -3.35
C CYS B 271 -10.33 5.86 -2.96
N GLY B 272 -9.41 4.92 -3.18
CA GLY B 272 -9.64 3.53 -2.80
C GLY B 272 -8.38 2.89 -2.27
N TYR B 273 -8.40 1.57 -2.06
CA TYR B 273 -7.24 0.89 -1.49
C TYR B 273 -6.02 0.84 -2.41
N ALA B 274 -6.24 0.87 -3.72
CA ALA B 274 -5.12 0.92 -4.67
C ALA B 274 -4.32 2.21 -4.55
N ASP B 275 -4.89 3.20 -3.85
CA ASP B 275 -4.22 4.46 -3.59
C ASP B 275 -3.43 4.42 -2.29
N GLY B 276 -3.72 3.43 -1.45
CA GLY B 276 -3.09 3.31 -0.14
C GLY B 276 -4.06 3.23 1.01
N TYR B 277 -5.30 3.64 0.79
CA TYR B 277 -6.33 3.62 1.82
C TYR B 277 -6.61 2.18 2.25
N PRO B 278 -6.80 1.94 3.57
CA PRO B 278 -7.12 0.57 4.01
C PRO B 278 -8.42 0.06 3.40
N ARG B 279 -8.41 -1.16 2.86
CA ARG B 279 -9.61 -1.77 2.27
C ARG B 279 -10.69 -1.99 3.32
N THR B 280 -10.26 -2.42 4.50
CA THR B 280 -11.14 -2.82 5.60
C THR B 280 -11.53 -1.66 6.52
N ALA B 281 -11.30 -0.43 6.07
CA ALA B 281 -11.68 0.74 6.85
C ALA B 281 -13.16 0.63 7.20
N PRO B 282 -13.49 0.58 8.51
CA PRO B 282 -14.85 0.34 8.96
C PRO B 282 -15.79 1.53 8.82
N ALA B 283 -17.09 1.29 8.96
CA ALA B 283 -18.09 2.35 9.02
C ALA B 283 -17.83 3.21 10.26
N GLY B 284 -17.95 4.51 10.12
CA GLY B 284 -17.64 5.42 11.21
C GLY B 284 -16.24 6.03 11.16
N THR B 285 -15.37 5.48 10.30
CA THR B 285 -14.05 6.05 10.04
C THR B 285 -14.21 7.50 9.55
N PRO B 286 -13.51 8.45 10.20
CA PRO B 286 -13.70 9.85 9.83
C PRO B 286 -13.09 10.25 8.49
N VAL B 287 -13.70 11.25 7.88
CA VAL B 287 -13.25 11.85 6.63
C VAL B 287 -13.79 13.29 6.65
N LEU B 288 -13.12 14.22 5.97
CA LEU B 288 -13.63 15.58 5.88
C LEU B 288 -14.20 15.86 4.50
N VAL B 289 -15.39 16.46 4.48
CA VAL B 289 -16.05 16.86 3.24
C VAL B 289 -16.34 18.35 3.35
N GLY B 290 -15.76 19.14 2.47
CA GLY B 290 -15.86 20.59 2.53
C GLY B 290 -15.43 21.15 3.88
N GLY B 291 -14.43 20.50 4.48
CA GLY B 291 -13.91 20.90 5.79
C GLY B 291 -14.75 20.43 6.97
N ARG B 292 -15.83 19.70 6.70
CA ARG B 292 -16.75 19.24 7.74
C ARG B 292 -16.67 17.74 7.94
N ARG B 293 -16.82 17.31 9.20
CA ARG B 293 -16.73 15.89 9.57
C ARG B 293 -17.89 15.04 9.06
N ALA B 294 -17.53 13.91 8.47
CA ALA B 294 -18.46 12.88 8.04
C ALA B 294 -17.79 11.53 8.23
N ILE B 295 -18.50 10.44 7.93
CA ILE B 295 -17.98 9.11 8.20
C ILE B 295 -18.15 8.16 7.01
N LEU B 296 -17.30 7.15 6.93
CA LEU B 296 -17.38 6.12 5.89
C LEU B 296 -18.66 5.30 6.00
N ALA B 297 -19.22 4.96 4.85
CA ALA B 297 -20.35 4.06 4.76
C ALA B 297 -20.04 3.07 3.65
N GLY B 298 -20.18 1.77 3.94
CA GLY B 298 -19.91 0.70 2.97
C GLY B 298 -18.44 0.39 2.79
N ARG B 299 -18.16 -0.72 2.11
CA ARG B 299 -16.77 -1.12 1.84
C ARG B 299 -15.99 -0.14 0.97
N VAL B 300 -14.70 -0.03 1.26
CA VAL B 300 -13.76 0.71 0.43
C VAL B 300 -13.41 -0.16 -0.78
N SER B 301 -13.54 0.42 -1.97
CA SER B 301 -13.17 -0.24 -3.22
C SER B 301 -11.71 0.04 -3.59
N MET B 302 -11.26 -0.56 -4.69
CA MET B 302 -9.92 -0.31 -5.22
C MET B 302 -9.69 1.16 -5.56
N ASP B 303 -10.69 1.81 -6.14
CA ASP B 303 -10.54 3.17 -6.64
C ASP B 303 -11.53 4.16 -6.03
N MET B 304 -12.51 3.64 -5.31
CA MET B 304 -13.57 4.46 -4.75
C MET B 304 -13.89 4.21 -3.30
N LEU B 305 -14.41 5.25 -2.65
CA LEU B 305 -14.81 5.20 -1.25
C LEU B 305 -16.18 5.86 -1.11
N ALA B 306 -16.93 5.49 -0.07
CA ALA B 306 -18.26 6.04 0.16
C ALA B 306 -18.41 6.69 1.52
N VAL B 307 -19.16 7.79 1.59
CA VAL B 307 -19.36 8.52 2.83
C VAL B 307 -20.83 8.86 3.09
N ASP B 308 -21.21 8.86 4.36
CA ASP B 308 -22.57 9.23 4.74
C ASP B 308 -22.71 10.75 4.82
N LEU B 309 -23.52 11.31 3.93
CA LEU B 309 -23.71 12.77 3.85
C LEU B 309 -25.13 13.19 4.24
N SER B 310 -25.80 12.37 5.05
CA SER B 310 -27.18 12.61 5.47
C SER B 310 -27.32 13.87 6.33
N ASP B 311 -26.23 14.24 7.02
CA ASP B 311 -26.20 15.39 7.90
C ASP B 311 -25.43 16.56 7.29
N LEU B 312 -25.03 16.40 6.02
CA LEU B 312 -24.41 17.49 5.26
C LEU B 312 -25.20 17.77 3.99
N PRO B 313 -26.32 18.52 4.12
CA PRO B 313 -27.25 18.70 3.01
C PRO B 313 -26.73 19.66 1.94
N GLU B 314 -25.71 20.46 2.27
CA GLU B 314 -25.14 21.43 1.33
C GLU B 314 -24.01 20.86 0.45
N ALA B 315 -23.57 19.64 0.78
CA ALA B 315 -22.49 18.97 0.05
C ALA B 315 -22.93 18.59 -1.37
N ARG B 316 -22.05 18.87 -2.33
CA ARG B 316 -22.34 18.68 -3.76
C ARG B 316 -21.23 17.88 -4.46
N VAL B 317 -21.56 17.28 -5.60
CA VAL B 317 -20.53 16.70 -6.46
C VAL B 317 -19.51 17.78 -6.79
N GLY B 318 -18.23 17.45 -6.63
CA GLY B 318 -17.14 18.39 -6.87
C GLY B 318 -16.50 18.95 -5.62
N ASP B 319 -17.08 18.67 -4.46
CA ASP B 319 -16.58 19.19 -3.18
C ASP B 319 -15.30 18.48 -2.71
N PRO B 320 -14.34 19.25 -2.16
CA PRO B 320 -13.08 18.65 -1.72
C PRO B 320 -13.25 17.69 -0.54
N VAL B 321 -12.58 16.56 -0.61
CA VAL B 321 -12.61 15.56 0.45
C VAL B 321 -11.20 15.39 1.03
N GLU B 322 -11.05 15.62 2.33
CA GLU B 322 -9.77 15.36 3.00
C GLU B 322 -9.77 14.00 3.70
N LEU B 323 -8.96 13.07 3.19
CA LEU B 323 -8.79 11.76 3.81
C LEU B 323 -7.94 11.89 5.07
N TRP B 324 -6.83 12.62 4.93
CA TRP B 324 -6.05 13.12 6.07
C TRP B 324 -5.22 14.32 5.65
N GLY B 325 -4.73 15.06 6.66
CA GLY B 325 -3.92 16.27 6.42
C GLY B 325 -3.89 17.18 7.61
N ALA B 326 -4.02 18.47 7.37
CA ALA B 326 -3.98 19.49 8.43
C ALA B 326 -5.27 19.54 9.25
N GLY B 327 -6.40 19.16 8.64
CA GLY B 327 -7.71 19.23 9.30
C GLY B 327 -8.18 17.95 9.98
N LEU B 328 -7.64 16.81 9.52
CA LEU B 328 -7.96 15.51 10.09
C LEU B 328 -6.68 14.68 10.13
N SER B 329 -6.21 14.36 11.33
CA SER B 329 -4.94 13.69 11.50
C SER B 329 -4.95 12.28 10.94
N VAL B 330 -3.90 11.97 10.19
CA VAL B 330 -3.66 10.63 9.67
C VAL B 330 -3.66 9.59 10.81
N ASP B 331 -3.31 10.02 12.01
CA ASP B 331 -3.30 9.16 13.19
C ASP B 331 -4.71 8.75 13.63
N GLU B 332 -5.66 9.67 13.51
CA GLU B 332 -7.04 9.40 13.84
C GLU B 332 -7.66 8.40 12.87
N VAL B 333 -7.43 8.62 11.57
CA VAL B 333 -7.91 7.70 10.54
C VAL B 333 -7.29 6.32 10.74
N ALA B 334 -5.97 6.30 10.90
CA ALA B 334 -5.21 5.06 11.08
C ALA B 334 -5.74 4.23 12.26
N ARG B 335 -5.92 4.88 13.40
CA ARG B 335 -6.38 4.20 14.61
C ARG B 335 -7.78 3.58 14.41
N ALA B 336 -8.70 4.34 13.83
CA ALA B 336 -10.04 3.82 13.53
C ALA B 336 -9.95 2.59 12.62
N CYS B 337 -8.91 2.54 11.80
CA CYS B 337 -8.68 1.42 10.89
C CYS B 337 -7.85 0.31 11.54
N GLY B 338 -7.62 0.39 12.84
CA GLY B 338 -6.88 -0.62 13.59
C GLY B 338 -5.37 -0.63 13.36
N THR B 339 -4.83 0.50 12.90
CA THR B 339 -3.42 0.60 12.52
C THR B 339 -2.78 1.94 12.95
N LEU B 340 -1.61 2.26 12.42
CA LEU B 340 -0.92 3.51 12.76
C LEU B 340 -0.60 4.37 11.53
N GLY B 341 -0.45 5.67 11.76
CA GLY B 341 -0.10 6.63 10.70
C GLY B 341 1.07 6.18 9.83
N TYR B 342 2.04 5.51 10.45
CA TYR B 342 3.13 4.85 9.71
C TYR B 342 2.64 4.21 8.42
N GLU B 343 1.64 3.35 8.55
CA GLU B 343 1.16 2.51 7.44
C GLU B 343 0.40 3.28 6.36
N LEU B 344 -0.43 4.23 6.77
CA LEU B 344 -1.23 5.01 5.85
C LEU B 344 -0.37 5.88 4.96
N LEU B 345 0.64 6.49 5.56
CA LEU B 345 1.60 7.35 4.84
C LEU B 345 2.50 6.53 3.90
N SER B 346 3.06 5.44 4.42
CA SER B 346 3.98 4.55 3.70
C SER B 346 3.41 4.00 2.40
N LYS B 347 2.11 3.69 2.41
CA LYS B 347 1.48 2.92 1.35
C LYS B 347 0.71 3.76 0.33
N VAL B 348 0.75 5.09 0.48
CA VAL B 348 0.24 5.96 -0.59
C VAL B 348 1.02 5.59 -1.85
N THR B 349 0.30 5.00 -2.80
CA THR B 349 0.93 4.34 -3.94
C THR B 349 1.43 5.33 -4.99
N ALA B 350 2.16 4.80 -5.98
CA ALA B 350 2.77 5.62 -7.02
C ALA B 350 1.76 6.36 -7.90
N ARG B 351 0.56 5.79 -8.04
CA ARG B 351 -0.47 6.38 -8.92
C ARG B 351 -0.97 7.71 -8.40
N VAL B 352 -0.73 7.96 -7.13
CA VAL B 352 -1.15 9.20 -6.48
C VAL B 352 -0.12 10.30 -6.74
N PRO B 353 -0.51 11.34 -7.51
CA PRO B 353 0.40 12.45 -7.80
C PRO B 353 0.85 13.17 -6.52
N ARG B 354 2.08 13.70 -6.54
CA ARG B 354 2.62 14.44 -5.41
C ARG B 354 2.85 15.92 -5.77
N ARG B 355 2.35 16.82 -4.93
CA ARG B 355 2.65 18.26 -5.00
C ARG B 355 3.48 18.64 -3.80
N TYR B 356 4.28 19.69 -3.93
CA TYR B 356 5.11 20.15 -2.83
C TYR B 356 4.96 21.65 -2.60
N SER B 357 4.80 22.02 -1.32
CA SER B 357 4.57 23.41 -0.94
C SER B 357 5.51 23.87 0.18
N HIS B 358 5.45 25.17 0.49
CA HIS B 358 6.19 25.76 1.60
C HIS B 358 5.23 26.59 2.47
#